data_4BR6
#
_entry.id   4BR6
#
_cell.length_a   69.140
_cell.length_b   69.140
_cell.length_c   300.430
_cell.angle_alpha   90.00
_cell.angle_beta   90.00
_cell.angle_gamma   120.00
#
_symmetry.space_group_name_H-M   'P 61'
#
loop_
_entity.id
_entity.type
_entity.pdbx_description
1 polymer 'SUPEROXIDE DISMUTASE'
2 non-polymer 'MANGANESE (III) ION'
3 non-polymer 'SODIUM ION'
4 non-polymer GLYCEROL
5 water water
#
_entity_poly.entity_id   1
_entity_poly.type   'polypeptide(L)'
_entity_poly.pdbx_seq_one_letter_code
;KATLPDLKYDYGALEPYISARIMELHHSKHHQTYVNGLNSALEATAEAEAKGDFTKAASLAPLLNFHGGGHLNHTLFWEN
LAPASREGGGEPDGALKKAIEADFGSFETFRKQMNAALTGIQGSGWAWLAKDKDSGNLAIVTRANQDPVTGQLVPLMGID
AWEHAYYLQYENRKAEYFEAIWNVINWKTVAQRFEKA
;
_entity_poly.pdbx_strand_id   A,B,C,D
#
loop_
_chem_comp.id
_chem_comp.type
_chem_comp.name
_chem_comp.formula
GOL non-polymer GLYCEROL 'C3 H8 O3'
MN3 non-polymer 'MANGANESE (III) ION' 'Mn 3'
NA non-polymer 'SODIUM ION' 'Na 1'
#
# COMPACT_ATOMS: atom_id res chain seq x y z
N LYS A 1 -2.72 -25.44 16.86
CA LYS A 1 -3.09 -25.67 15.43
C LYS A 1 -4.42 -24.99 15.08
N ALA A 2 -4.39 -24.10 14.10
CA ALA A 2 -5.62 -23.58 13.51
C ALA A 2 -6.16 -24.65 12.57
N THR A 3 -7.48 -24.69 12.38
CA THR A 3 -8.10 -25.72 11.55
C THR A 3 -9.20 -25.13 10.67
N LEU A 4 -9.47 -25.81 9.57
CA LEU A 4 -10.55 -25.40 8.68
C LEU A 4 -11.92 -25.60 9.38
N PRO A 5 -12.72 -24.53 9.49
CA PRO A 5 -14.01 -24.75 10.16
C PRO A 5 -14.98 -25.48 9.24
N ASP A 6 -15.88 -26.24 9.84
CA ASP A 6 -16.93 -26.93 9.11
C ASP A 6 -18.01 -25.93 8.65
N LEU A 7 -18.46 -26.05 7.40
CA LEU A 7 -19.66 -25.35 6.95
C LEU A 7 -20.89 -26.01 7.57
N LYS A 8 -21.96 -25.24 7.74
CA LYS A 8 -23.17 -25.75 8.37
C LYS A 8 -24.19 -26.22 7.35
N TYR A 9 -23.75 -26.34 6.10
CA TYR A 9 -24.58 -26.92 5.04
C TYR A 9 -23.74 -27.53 3.92
N ASP A 10 -24.40 -28.23 3.00
CA ASP A 10 -23.76 -28.79 1.82
C ASP A 10 -23.29 -27.69 0.89
N TYR A 11 -22.29 -27.99 0.07
CA TYR A 11 -21.75 -27.03 -0.87
C TYR A 11 -22.76 -26.45 -1.84
N GLY A 12 -23.83 -27.17 -2.14
CA GLY A 12 -24.80 -26.70 -3.12
C GLY A 12 -25.99 -25.98 -2.50
N ALA A 13 -25.87 -25.63 -1.22
CA ALA A 13 -27.01 -25.12 -0.47
C ALA A 13 -27.28 -23.64 -0.73
N LEU A 14 -26.34 -22.96 -1.37
CA LEU A 14 -26.45 -21.52 -1.62
C LEU A 14 -26.80 -21.21 -3.07
N GLU A 15 -26.93 -22.24 -3.88
CA GLU A 15 -27.42 -22.13 -5.25
C GLU A 15 -28.88 -21.68 -5.27
N PRO A 16 -29.27 -20.86 -6.26
CA PRO A 16 -28.56 -20.39 -7.45
C PRO A 16 -27.67 -19.18 -7.21
N TYR A 17 -27.53 -18.75 -5.97
CA TYR A 17 -26.81 -17.51 -5.69
C TYR A 17 -25.29 -17.68 -5.65
N ILE A 18 -24.82 -18.80 -5.10
CA ILE A 18 -23.43 -19.19 -5.23
C ILE A 18 -23.35 -20.68 -5.53
N SER A 19 -22.60 -21.03 -6.56
CA SER A 19 -22.61 -22.40 -7.09
C SER A 19 -21.90 -23.38 -6.16
N ALA A 20 -22.28 -24.66 -6.27
CA ALA A 20 -21.67 -25.74 -5.53
C ALA A 20 -20.17 -25.80 -5.78
N ARG A 21 -19.79 -25.53 -7.02
CA ARG A 21 -18.38 -25.59 -7.42
C ARG A 21 -17.58 -24.48 -6.78
N ILE A 22 -18.12 -23.27 -6.76
CA ILE A 22 -17.45 -22.14 -6.11
C ILE A 22 -17.30 -22.46 -4.66
N MET A 23 -18.38 -22.89 -4.03
CA MET A 23 -18.39 -23.14 -2.60
C MET A 23 -17.37 -24.20 -2.21
N GLU A 24 -17.34 -25.29 -2.98
CA GLU A 24 -16.38 -26.36 -2.74
C GLU A 24 -14.93 -25.87 -2.89
N LEU A 25 -14.65 -25.16 -3.97
CA LEU A 25 -13.32 -24.62 -4.19
C LEU A 25 -12.95 -23.64 -3.10
N HIS A 26 -13.88 -22.76 -2.78
CA HIS A 26 -13.61 -21.64 -1.90
C HIS A 26 -13.30 -22.15 -0.51
N HIS A 27 -13.99 -23.20 -0.10
CA HIS A 27 -13.86 -23.74 1.24
C HIS A 27 -12.71 -24.74 1.27
N SER A 28 -12.77 -25.75 0.40
CA SER A 28 -11.86 -26.89 0.50
C SER A 28 -10.46 -26.59 -0.04
N LYS A 29 -10.33 -25.63 -0.94
CA LYS A 29 -9.02 -25.27 -1.54
C LYS A 29 -8.47 -23.93 -1.02
N HIS A 30 -9.23 -22.86 -1.19
CA HIS A 30 -8.74 -21.53 -0.80
C HIS A 30 -8.54 -21.37 0.69
N HIS A 31 -9.60 -21.52 1.48
CA HIS A 31 -9.51 -21.35 2.93
C HIS A 31 -8.56 -22.34 3.58
N GLN A 32 -8.57 -23.57 3.10
CA GLN A 32 -7.64 -24.60 3.58
C GLN A 32 -6.20 -24.13 3.39
N THR A 33 -5.96 -23.39 2.31
CA THR A 33 -4.63 -22.93 1.99
C THR A 33 -4.24 -21.81 2.96
N TYR A 34 -5.22 -21.02 3.40
CA TYR A 34 -4.94 -19.99 4.38
C TYR A 34 -4.65 -20.62 5.74
N VAL A 35 -5.37 -21.70 6.05
CA VAL A 35 -5.17 -22.43 7.30
C VAL A 35 -3.75 -23.00 7.39
N ASN A 36 -3.33 -23.73 6.37
CA ASN A 36 -2.01 -24.31 6.34
C ASN A 36 -0.98 -23.19 6.36
N GLY A 37 -1.28 -22.10 5.67
CA GLY A 37 -0.33 -21.01 5.53
C GLY A 37 -0.08 -20.28 6.82
N LEU A 38 -1.14 -20.08 7.59
CA LEU A 38 -1.07 -19.48 8.91
C LEU A 38 -0.24 -20.34 9.86
N ASN A 39 -0.59 -21.62 9.97
CA ASN A 39 0.13 -22.53 10.85
C ASN A 39 1.61 -22.57 10.51
N SER A 40 1.94 -22.50 9.22
CA SER A 40 3.34 -22.49 8.81
C SER A 40 4.05 -21.23 9.25
N ALA A 41 3.35 -20.09 9.19
CA ALA A 41 3.95 -18.82 9.55
C ALA A 41 4.22 -18.75 11.04
N LEU A 42 3.25 -19.24 11.82
CA LEU A 42 3.37 -19.25 13.27
C LEU A 42 4.49 -20.21 13.68
N GLU A 43 4.59 -21.35 13.00
CA GLU A 43 5.69 -22.29 13.22
C GLU A 43 7.05 -21.65 12.99
N ALA A 44 7.23 -21.07 11.81
CA ALA A 44 8.52 -20.52 11.42
C ALA A 44 8.87 -19.31 12.27
N THR A 45 7.85 -18.62 12.77
CA THR A 45 8.08 -17.51 13.69
C THR A 45 8.49 -18.07 15.05
N ALA A 46 7.96 -19.23 15.39
CA ALA A 46 8.35 -19.93 16.61
C ALA A 46 9.79 -20.44 16.51
N GLU A 47 10.15 -21.03 15.37
CA GLU A 47 11.51 -21.48 15.12
C GLU A 47 12.49 -20.33 15.19
N ALA A 48 12.15 -19.24 14.52
CA ALA A 48 13.02 -18.08 14.40
C ALA A 48 13.34 -17.49 15.76
N GLU A 49 12.31 -17.23 16.56
CA GLU A 49 12.48 -16.56 17.86
C GLU A 49 13.36 -17.38 18.81
N ALA A 50 13.26 -18.69 18.71
CA ALA A 50 14.04 -19.58 19.57
C ALA A 50 15.51 -19.48 19.21
N LYS A 51 15.77 -19.29 17.91
CA LYS A 51 17.13 -19.16 17.41
C LYS A 51 17.70 -17.78 17.71
N GLY A 52 16.86 -16.88 18.19
CA GLY A 52 17.29 -15.50 18.35
C GLY A 52 17.40 -14.82 17.00
N ASP A 53 16.79 -15.40 15.97
CA ASP A 53 16.80 -14.79 14.64
C ASP A 53 15.57 -13.88 14.43
N PHE A 54 15.75 -12.60 14.73
CA PHE A 54 14.64 -11.65 14.71
C PHE A 54 14.42 -11.05 13.33
N THR A 55 15.39 -11.26 12.45
CA THR A 55 15.30 -10.82 11.08
C THR A 55 14.40 -11.79 10.31
N LYS A 56 14.55 -13.07 10.61
CA LYS A 56 13.73 -14.11 10.01
C LYS A 56 12.29 -14.02 10.54
N ALA A 57 12.15 -13.75 11.82
CA ALA A 57 10.84 -13.68 12.45
C ALA A 57 9.99 -12.57 11.85
N ALA A 58 10.61 -11.40 11.67
CA ALA A 58 9.93 -10.22 11.14
C ALA A 58 9.59 -10.41 9.68
N SER A 59 10.45 -11.14 8.97
CA SER A 59 10.28 -11.40 7.54
C SER A 59 9.06 -12.26 7.27
N LEU A 60 8.53 -12.90 8.30
CA LEU A 60 7.35 -13.75 8.17
C LEU A 60 6.03 -12.97 8.38
N ALA A 61 6.15 -11.70 8.75
CA ALA A 61 4.99 -10.87 9.03
C ALA A 61 3.99 -10.72 7.85
N PRO A 62 4.50 -10.55 6.62
CA PRO A 62 3.57 -10.55 5.48
C PRO A 62 2.69 -11.80 5.36
N LEU A 63 3.26 -12.99 5.57
CA LEU A 63 2.50 -14.23 5.44
C LEU A 63 1.52 -14.38 6.59
N LEU A 64 1.91 -13.91 7.76
CA LEU A 64 1.05 -14.00 8.92
C LEU A 64 -0.22 -13.16 8.71
N ASN A 65 -0.03 -11.94 8.21
CA ASN A 65 -1.15 -11.05 7.88
C ASN A 65 -2.08 -11.64 6.80
N PHE A 66 -1.46 -12.09 5.73
CA PHE A 66 -2.16 -12.63 4.58
C PHE A 66 -2.91 -13.91 4.92
N HIS A 67 -2.23 -14.86 5.53
CA HIS A 67 -2.86 -16.14 5.83
C HIS A 67 -3.78 -16.04 7.02
N GLY A 68 -3.31 -15.40 8.08
CA GLY A 68 -4.14 -15.16 9.25
C GLY A 68 -5.35 -14.32 8.91
N GLY A 69 -5.20 -13.35 8.02
CA GLY A 69 -6.33 -12.55 7.60
C GLY A 69 -7.30 -13.38 6.80
N GLY A 70 -6.80 -14.17 5.86
CA GLY A 70 -7.65 -15.03 5.07
C GLY A 70 -8.44 -16.02 5.92
N HIS A 71 -7.81 -16.60 6.95
CA HIS A 71 -8.49 -17.54 7.83
C HIS A 71 -9.66 -16.87 8.54
N LEU A 72 -9.42 -15.67 9.06
CA LEU A 72 -10.43 -14.92 9.80
C LEU A 72 -11.56 -14.48 8.87
N ASN A 73 -11.21 -13.88 7.75
CA ASN A 73 -12.21 -13.31 6.84
C ASN A 73 -13.16 -14.37 6.30
N HIS A 74 -12.63 -15.54 5.94
CA HIS A 74 -13.47 -16.59 5.40
C HIS A 74 -14.28 -17.30 6.50
N THR A 75 -13.71 -17.41 7.70
CA THR A 75 -14.44 -17.97 8.83
C THR A 75 -15.73 -17.21 9.03
N LEU A 76 -15.59 -15.88 9.15
CA LEU A 76 -16.73 -14.99 9.35
C LEU A 76 -17.66 -15.06 8.14
N PHE A 77 -17.07 -15.11 6.95
CA PHE A 77 -17.85 -15.12 5.72
C PHE A 77 -18.87 -16.26 5.69
N TRP A 78 -18.44 -17.50 5.94
CA TRP A 78 -19.38 -18.63 5.92
C TRP A 78 -20.44 -18.49 7.00
N GLU A 79 -20.04 -17.92 8.13
CA GLU A 79 -20.95 -17.72 9.25
C GLU A 79 -22.04 -16.71 8.91
N ASN A 80 -21.73 -15.69 8.11
CA ASN A 80 -22.78 -14.79 7.63
C ASN A 80 -23.36 -15.19 6.27
N LEU A 81 -23.38 -16.50 6.02
CA LEU A 81 -24.03 -17.05 4.84
C LEU A 81 -24.88 -18.27 5.23
N ALA A 82 -26.08 -18.38 4.66
CA ALA A 82 -26.96 -19.51 4.96
C ALA A 82 -27.96 -19.71 3.82
N PRO A 83 -28.51 -20.93 3.70
CA PRO A 83 -29.44 -21.20 2.60
C PRO A 83 -30.65 -20.27 2.66
N ALA A 84 -31.03 -19.71 1.52
CA ALA A 84 -32.12 -18.76 1.45
C ALA A 84 -33.41 -19.30 2.09
N SER A 85 -33.66 -20.60 1.93
CA SER A 85 -34.90 -21.20 2.45
C SER A 85 -34.98 -21.12 3.97
N ARG A 86 -33.82 -20.92 4.61
CA ARG A 86 -33.72 -20.94 6.06
C ARG A 86 -33.21 -19.61 6.63
N GLU A 87 -32.01 -19.61 7.21
CA GLU A 87 -31.52 -18.44 7.95
C GLU A 87 -31.01 -17.34 7.01
N GLY A 88 -31.00 -17.62 5.71
CA GLY A 88 -30.40 -16.73 4.74
C GLY A 88 -31.37 -15.79 4.05
N GLY A 89 -30.84 -14.66 3.59
CA GLY A 89 -31.61 -13.67 2.86
C GLY A 89 -32.38 -12.73 3.77
N GLY A 90 -33.26 -11.92 3.18
CA GLY A 90 -34.13 -11.06 3.96
C GLY A 90 -33.48 -9.78 4.47
N GLU A 91 -34.02 -9.26 5.57
CA GLU A 91 -33.50 -8.04 6.16
C GLU A 91 -33.22 -8.27 7.63
N PRO A 92 -32.29 -7.47 8.20
CA PRO A 92 -32.08 -7.52 9.65
C PRO A 92 -33.20 -6.81 10.40
N ASP A 93 -33.56 -7.34 11.57
CA ASP A 93 -34.56 -6.73 12.44
C ASP A 93 -33.88 -6.23 13.71
N GLY A 94 -34.67 -5.88 14.71
CA GLY A 94 -34.11 -5.49 16.00
C GLY A 94 -33.44 -4.13 16.03
N ALA A 95 -32.49 -3.98 16.95
CA ALA A 95 -31.73 -2.74 17.11
C ALA A 95 -30.74 -2.55 15.97
N LEU A 96 -30.34 -3.64 15.34
CA LEU A 96 -29.45 -3.60 14.19
C LEU A 96 -30.17 -2.94 13.03
N LYS A 97 -31.44 -3.27 12.86
CA LYS A 97 -32.24 -2.59 11.85
C LYS A 97 -32.21 -1.09 12.13
N LYS A 98 -32.47 -0.73 13.39
CA LYS A 98 -32.51 0.66 13.83
C LYS A 98 -31.21 1.41 13.60
N ALA A 99 -30.09 0.75 13.90
CA ALA A 99 -28.78 1.37 13.76
C ALA A 99 -28.48 1.71 12.30
N ILE A 100 -28.73 0.73 11.42
CA ILE A 100 -28.51 0.91 9.99
C ILE A 100 -29.36 2.06 9.49
N GLU A 101 -30.60 2.10 9.96
CA GLU A 101 -31.53 3.16 9.58
C GLU A 101 -31.08 4.50 10.15
N ALA A 102 -30.36 4.47 11.26
CA ALA A 102 -29.82 5.69 11.84
C ALA A 102 -28.56 6.12 11.09
N ASP A 103 -27.73 5.15 10.72
CA ASP A 103 -26.41 5.47 10.18
C ASP A 103 -26.36 5.57 8.66
N PHE A 104 -27.35 5.00 7.98
CA PHE A 104 -27.34 4.98 6.52
C PHE A 104 -28.62 5.55 5.89
N GLY A 105 -29.68 5.64 6.69
CA GLY A 105 -30.96 6.14 6.21
C GLY A 105 -31.98 5.03 6.04
N SER A 106 -31.63 4.03 5.23
CA SER A 106 -32.47 2.85 5.08
C SER A 106 -31.58 1.63 4.81
N PHE A 107 -32.16 0.44 4.92
CA PHE A 107 -31.45 -0.79 4.56
C PHE A 107 -31.13 -0.76 3.08
N GLU A 108 -32.04 -0.19 2.30
CA GLU A 108 -31.90 -0.09 0.86
C GLU A 108 -30.75 0.85 0.51
N THR A 109 -30.63 1.94 1.27
CA THR A 109 -29.57 2.92 1.06
C THR A 109 -28.24 2.26 1.46
N PHE A 110 -28.25 1.57 2.59
CA PHE A 110 -27.08 0.84 3.08
C PHE A 110 -26.59 -0.20 2.06
N ARG A 111 -27.53 -0.99 1.56
CA ARG A 111 -27.21 -2.06 0.61
C ARG A 111 -26.53 -1.50 -0.61
N LYS A 112 -27.16 -0.51 -1.26
CA LYS A 112 -26.56 0.16 -2.41
C LYS A 112 -25.15 0.67 -2.12
N GLN A 113 -24.96 1.27 -0.94
CA GLN A 113 -23.66 1.80 -0.57
C GLN A 113 -22.60 0.72 -0.57
N MET A 114 -22.92 -0.41 0.02
CA MET A 114 -21.98 -1.53 0.12
C MET A 114 -21.66 -2.09 -1.26
N ASN A 115 -22.72 -2.30 -2.06
CA ASN A 115 -22.57 -2.76 -3.43
C ASN A 115 -21.70 -1.83 -4.26
N ALA A 116 -21.78 -0.54 -3.93
CA ALA A 116 -20.97 0.45 -4.61
C ALA A 116 -19.54 0.39 -4.08
N ALA A 117 -19.40 0.15 -2.78
CA ALA A 117 -18.07 -0.01 -2.20
C ALA A 117 -17.38 -1.24 -2.81
N LEU A 118 -18.12 -2.34 -2.89
CA LEU A 118 -17.62 -3.60 -3.45
C LEU A 118 -17.20 -3.44 -4.89
N THR A 119 -18.00 -2.69 -5.63
CA THR A 119 -17.73 -2.45 -7.04
C THR A 119 -16.49 -1.57 -7.15
N GLY A 120 -16.32 -0.67 -6.18
CA GLY A 120 -15.22 0.26 -6.21
C GLY A 120 -13.86 -0.30 -5.83
N ILE A 121 -13.82 -1.55 -5.37
CA ILE A 121 -12.56 -2.18 -4.99
C ILE A 121 -11.67 -2.47 -6.19
N GLN A 122 -10.49 -1.87 -6.21
CA GLN A 122 -9.49 -2.12 -7.24
C GLN A 122 -8.59 -3.31 -6.84
N GLY A 123 -8.68 -4.40 -7.59
CA GLY A 123 -7.94 -5.62 -7.28
C GLY A 123 -8.74 -6.54 -6.37
N SER A 124 -8.04 -7.33 -5.56
CA SER A 124 -8.67 -8.28 -4.64
C SER A 124 -8.97 -7.62 -3.28
N GLY A 125 -10.09 -7.98 -2.65
CA GLY A 125 -10.45 -7.40 -1.37
C GLY A 125 -11.85 -7.76 -0.87
N TRP A 126 -12.24 -7.13 0.24
CA TRP A 126 -13.53 -7.37 0.88
C TRP A 126 -14.22 -6.05 1.19
N ALA A 127 -15.53 -6.10 1.41
CA ALA A 127 -16.26 -5.00 2.01
C ALA A 127 -16.89 -5.50 3.29
N TRP A 128 -16.86 -4.66 4.32
CA TRP A 128 -17.39 -5.00 5.64
C TRP A 128 -18.37 -3.95 6.18
N LEU A 129 -19.47 -4.41 6.75
CA LEU A 129 -20.25 -3.60 7.67
C LEU A 129 -19.61 -3.81 9.03
N ALA A 130 -19.10 -2.75 9.64
CA ALA A 130 -18.40 -2.87 10.92
C ALA A 130 -19.05 -1.92 11.92
N LYS A 131 -18.81 -2.15 13.20
CA LYS A 131 -19.18 -1.20 14.23
C LYS A 131 -17.95 -0.74 14.97
N ASP A 132 -18.01 0.45 15.54
CA ASP A 132 -16.96 0.93 16.42
C ASP A 132 -17.09 0.22 17.75
N LYS A 133 -15.99 -0.38 18.20
CA LYS A 133 -16.00 -1.23 19.39
C LYS A 133 -16.50 -0.50 20.62
N ASP A 134 -16.41 0.84 20.61
CA ASP A 134 -16.72 1.65 21.79
C ASP A 134 -18.06 2.36 21.75
N SER A 135 -18.54 2.68 20.57
CA SER A 135 -19.76 3.47 20.42
C SER A 135 -20.88 2.69 19.72
N GLY A 136 -20.50 1.68 18.94
CA GLY A 136 -21.45 0.92 18.16
C GLY A 136 -21.78 1.63 16.85
N ASN A 137 -21.05 2.70 16.57
CA ASN A 137 -21.22 3.46 15.32
C ASN A 137 -20.87 2.61 14.09
N LEU A 138 -21.85 2.42 13.20
CA LEU A 138 -21.67 1.58 12.02
C LEU A 138 -20.87 2.27 10.92
N ALA A 139 -20.11 1.49 10.17
CA ALA A 139 -19.40 1.97 8.99
C ALA A 139 -19.34 0.87 7.94
N ILE A 140 -19.33 1.25 6.67
CA ILE A 140 -18.93 0.36 5.58
C ILE A 140 -17.46 0.63 5.32
N VAL A 141 -16.64 -0.42 5.34
CA VAL A 141 -15.22 -0.27 5.06
C VAL A 141 -14.78 -1.31 4.04
N THR A 142 -13.64 -1.07 3.38
CA THR A 142 -13.05 -2.07 2.51
C THR A 142 -11.62 -2.37 2.95
N ARG A 143 -11.17 -3.58 2.65
CA ARG A 143 -9.83 -4.03 2.95
C ARG A 143 -9.22 -4.61 1.69
N ALA A 144 -7.95 -4.31 1.44
CA ALA A 144 -7.22 -4.91 0.33
C ALA A 144 -6.84 -6.35 0.65
N ASN A 145 -6.93 -7.23 -0.33
CA ASN A 145 -6.42 -8.59 -0.22
C ASN A 145 -7.09 -9.35 0.93
N GLN A 146 -6.31 -9.81 1.90
CA GLN A 146 -6.87 -10.48 3.07
C GLN A 146 -6.72 -9.68 4.35
N ASP A 147 -6.36 -8.41 4.22
CA ASP A 147 -6.19 -7.55 5.37
C ASP A 147 -7.50 -7.57 6.18
N PRO A 148 -7.42 -7.93 7.47
CA PRO A 148 -8.65 -8.08 8.27
C PRO A 148 -9.21 -6.79 8.86
N VAL A 149 -10.35 -6.94 9.54
CA VAL A 149 -10.95 -5.89 10.33
C VAL A 149 -10.70 -6.24 11.80
N THR A 150 -9.79 -5.51 12.44
CA THR A 150 -9.50 -5.69 13.87
C THR A 150 -9.34 -4.33 14.57
N GLY A 151 -9.07 -4.36 15.88
CA GLY A 151 -8.81 -3.14 16.63
C GLY A 151 -10.06 -2.36 17.00
N GLN A 152 -10.10 -1.11 16.55
CA GLN A 152 -11.19 -0.20 16.88
C GLN A 152 -12.50 -0.62 16.24
N LEU A 153 -12.39 -1.34 15.12
CA LEU A 153 -13.58 -1.81 14.41
C LEU A 153 -13.82 -3.29 14.57
N VAL A 154 -15.08 -3.64 14.82
CA VAL A 154 -15.51 -5.03 14.88
C VAL A 154 -16.29 -5.38 13.61
N PRO A 155 -15.85 -6.41 12.85
CA PRO A 155 -16.61 -6.75 11.65
C PRO A 155 -17.94 -7.44 11.98
N LEU A 156 -18.97 -7.14 11.21
CA LEU A 156 -20.32 -7.67 11.48
C LEU A 156 -20.84 -8.47 10.29
N MET A 157 -20.52 -8.02 9.07
CA MET A 157 -20.92 -8.72 7.86
C MET A 157 -19.92 -8.48 6.74
N GLY A 158 -19.35 -9.56 6.20
CA GLY A 158 -18.34 -9.47 5.16
C GLY A 158 -18.83 -10.01 3.83
N ILE A 159 -18.46 -9.33 2.75
CA ILE A 159 -18.62 -9.87 1.41
C ILE A 159 -17.30 -9.85 0.66
N ASP A 160 -16.91 -11.03 0.20
CA ASP A 160 -15.65 -11.25 -0.49
C ASP A 160 -15.70 -10.80 -1.96
N ALA A 161 -14.80 -9.90 -2.35
CA ALA A 161 -14.78 -9.36 -3.71
C ALA A 161 -13.61 -9.91 -4.54
N TRP A 162 -12.87 -10.87 -3.99
CA TRP A 162 -11.87 -11.59 -4.75
C TRP A 162 -12.59 -12.21 -5.92
N GLU A 163 -11.91 -12.28 -7.06
CA GLU A 163 -12.48 -12.83 -8.28
C GLU A 163 -12.86 -14.30 -8.14
N HIS A 164 -12.18 -15.02 -7.25
CA HIS A 164 -12.47 -16.46 -7.11
C HIS A 164 -13.80 -16.66 -6.37
N ALA A 165 -14.34 -15.61 -5.76
CA ALA A 165 -15.62 -15.73 -5.07
C ALA A 165 -16.83 -15.73 -6.01
N TYR A 166 -16.62 -15.46 -7.30
CA TYR A 166 -17.75 -15.37 -8.23
C TYR A 166 -17.48 -15.76 -9.69
N TYR A 167 -16.22 -15.69 -10.13
CA TYR A 167 -15.95 -15.70 -11.57
C TYR A 167 -16.49 -16.92 -12.31
N LEU A 168 -16.54 -18.09 -11.67
CA LEU A 168 -16.99 -19.31 -12.36
C LEU A 168 -18.44 -19.24 -12.82
N GLN A 169 -19.25 -18.48 -12.09
CA GLN A 169 -20.67 -18.42 -12.33
C GLN A 169 -21.05 -17.12 -13.03
N TYR A 170 -20.46 -16.03 -12.56
CA TYR A 170 -20.83 -14.69 -13.01
C TYR A 170 -19.81 -14.07 -13.96
N GLU A 171 -18.68 -14.74 -14.19
CA GLU A 171 -17.58 -14.22 -15.00
C GLU A 171 -17.20 -12.80 -14.56
N ASN A 172 -17.04 -11.89 -15.53
CA ASN A 172 -16.66 -10.49 -15.25
C ASN A 172 -17.77 -9.67 -14.62
N ARG A 173 -18.97 -10.24 -14.57
CA ARG A 173 -20.17 -9.50 -14.15
C ARG A 173 -20.29 -9.43 -12.64
N LYS A 174 -19.33 -8.77 -12.00
CA LYS A 174 -19.23 -8.77 -10.54
C LYS A 174 -20.48 -8.18 -9.88
N ALA A 175 -21.08 -7.18 -10.53
CA ALA A 175 -22.28 -6.54 -9.99
C ALA A 175 -23.41 -7.53 -9.79
N GLU A 176 -23.52 -8.49 -10.70
CA GLU A 176 -24.56 -9.51 -10.61
C GLU A 176 -24.37 -10.30 -9.33
N TYR A 177 -23.12 -10.67 -9.05
CA TYR A 177 -22.78 -11.40 -7.83
C TYR A 177 -23.09 -10.56 -6.57
N PHE A 178 -22.68 -9.30 -6.57
CA PHE A 178 -22.86 -8.43 -5.41
C PHE A 178 -24.34 -8.25 -5.06
N GLU A 179 -25.19 -8.14 -6.08
CA GLU A 179 -26.63 -7.98 -5.87
C GLU A 179 -27.25 -9.29 -5.41
N ALA A 180 -26.73 -10.39 -5.94
CA ALA A 180 -27.30 -11.70 -5.68
C ALA A 180 -27.04 -12.17 -4.25
N ILE A 181 -25.84 -11.92 -3.75
CA ILE A 181 -25.39 -12.52 -2.48
C ILE A 181 -26.26 -12.16 -1.28
N TRP A 182 -27.01 -11.06 -1.40
CA TRP A 182 -27.91 -10.62 -0.35
C TRP A 182 -29.01 -11.61 0.01
N ASN A 183 -29.34 -12.51 -0.92
CA ASN A 183 -30.37 -13.51 -0.66
C ASN A 183 -29.88 -14.68 0.20
N VAL A 184 -28.60 -14.68 0.56
CA VAL A 184 -28.02 -15.73 1.41
C VAL A 184 -27.21 -15.18 2.59
N ILE A 185 -27.24 -13.86 2.80
CA ILE A 185 -26.61 -13.28 3.97
C ILE A 185 -27.43 -13.66 5.19
N ASN A 186 -26.77 -14.20 6.19
CA ASN A 186 -27.39 -14.54 7.47
C ASN A 186 -27.34 -13.32 8.40
N TRP A 187 -28.48 -12.65 8.58
CA TRP A 187 -28.55 -11.44 9.41
C TRP A 187 -28.67 -11.77 10.89
N LYS A 188 -29.06 -13.02 11.19
CA LYS A 188 -29.11 -13.49 12.57
C LYS A 188 -27.71 -13.46 13.16
N THR A 189 -26.74 -13.92 12.37
CA THR A 189 -25.34 -13.91 12.79
C THR A 189 -24.83 -12.48 12.96
N VAL A 190 -25.15 -11.65 11.99
CA VAL A 190 -24.71 -10.26 11.96
C VAL A 190 -25.30 -9.52 13.16
N ALA A 191 -26.51 -9.90 13.55
CA ALA A 191 -27.19 -9.31 14.71
C ALA A 191 -26.56 -9.76 16.02
N GLN A 192 -26.07 -10.99 16.05
CA GLN A 192 -25.35 -11.48 17.22
C GLN A 192 -24.06 -10.69 17.43
N ARG A 193 -23.31 -10.50 16.36
CA ARG A 193 -22.00 -9.84 16.43
C ARG A 193 -22.17 -8.39 16.85
N PHE A 194 -23.29 -7.80 16.41
CA PHE A 194 -23.63 -6.43 16.76
C PHE A 194 -23.90 -6.30 18.26
N GLU A 195 -24.60 -7.27 18.82
CA GLU A 195 -24.93 -7.26 20.24
C GLU A 195 -23.72 -7.68 21.08
N LYS A 196 -22.64 -8.04 20.40
CA LYS A 196 -21.36 -8.39 21.03
C LYS A 196 -21.53 -9.55 22.01
N LYS B 1 -7.78 10.28 -27.77
CA LYS B 1 -8.68 9.28 -27.12
C LYS B 1 -8.08 7.88 -27.22
N ALA B 2 -8.11 7.12 -26.13
CA ALA B 2 -7.48 5.79 -26.09
C ALA B 2 -8.45 4.75 -26.63
N THR B 3 -7.90 3.74 -27.31
CA THR B 3 -8.70 2.72 -27.98
C THR B 3 -8.23 1.31 -27.59
N LEU B 4 -9.16 0.36 -27.59
CA LEU B 4 -8.81 -1.04 -27.34
C LEU B 4 -8.13 -1.57 -28.60
N PRO B 5 -6.89 -2.09 -28.46
CA PRO B 5 -6.26 -2.68 -29.64
C PRO B 5 -6.91 -4.01 -29.98
N ASP B 6 -6.97 -4.37 -31.26
CA ASP B 6 -7.41 -5.70 -31.66
C ASP B 6 -6.28 -6.68 -31.40
N LEU B 7 -6.62 -7.94 -31.16
CA LEU B 7 -5.62 -9.00 -31.14
C LEU B 7 -5.14 -9.27 -32.56
N LYS B 8 -4.00 -9.96 -32.68
CA LYS B 8 -3.41 -10.33 -33.95
C LYS B 8 -3.82 -11.75 -34.35
N TYR B 9 -4.69 -12.36 -33.54
CA TYR B 9 -5.24 -13.68 -33.81
C TYR B 9 -6.63 -13.80 -33.18
N ASP B 10 -7.31 -14.93 -33.39
CA ASP B 10 -8.67 -15.08 -32.91
C ASP B 10 -8.65 -15.58 -31.49
N TYR B 11 -9.75 -15.33 -30.77
CA TYR B 11 -9.83 -15.62 -29.34
C TYR B 11 -9.43 -17.05 -28.95
N GLY B 12 -9.62 -18.02 -29.85
CA GLY B 12 -9.34 -19.42 -29.53
C GLY B 12 -8.00 -19.95 -30.02
N ALA B 13 -7.15 -19.06 -30.50
CA ALA B 13 -5.89 -19.47 -31.13
C ALA B 13 -4.88 -19.99 -30.11
N LEU B 14 -5.07 -19.61 -28.85
CA LEU B 14 -4.10 -19.94 -27.81
C LEU B 14 -4.50 -21.18 -27.03
N GLU B 15 -5.62 -21.78 -27.41
CA GLU B 15 -6.00 -23.05 -26.83
C GLU B 15 -4.97 -24.10 -27.27
N PRO B 16 -4.73 -25.12 -26.44
CA PRO B 16 -5.35 -25.41 -25.14
C PRO B 16 -4.76 -24.67 -23.93
N TYR B 17 -3.84 -23.74 -24.14
CA TYR B 17 -3.15 -23.13 -23.00
C TYR B 17 -3.99 -22.10 -22.26
N ILE B 18 -4.63 -21.21 -23.02
CA ILE B 18 -5.61 -20.31 -22.47
C ILE B 18 -6.89 -20.45 -23.31
N SER B 19 -8.03 -20.66 -22.65
CA SER B 19 -9.29 -20.90 -23.33
C SER B 19 -9.79 -19.66 -24.09
N ALA B 20 -10.60 -19.91 -25.12
CA ALA B 20 -11.15 -18.84 -25.94
C ALA B 20 -12.09 -17.96 -25.13
N ARG B 21 -12.79 -18.55 -24.18
CA ARG B 21 -13.70 -17.76 -23.36
C ARG B 21 -12.91 -16.77 -22.50
N ILE B 22 -11.81 -17.22 -21.89
CA ILE B 22 -10.97 -16.36 -21.09
C ILE B 22 -10.47 -15.20 -21.94
N MET B 23 -9.84 -15.53 -23.08
CA MET B 23 -9.29 -14.53 -23.96
C MET B 23 -10.37 -13.53 -24.38
N GLU B 24 -11.53 -14.05 -24.78
CA GLU B 24 -12.65 -13.21 -25.20
C GLU B 24 -13.05 -12.19 -24.14
N LEU B 25 -13.30 -12.69 -22.93
CA LEU B 25 -13.67 -11.84 -21.80
C LEU B 25 -12.56 -10.87 -21.43
N HIS B 26 -11.36 -11.42 -21.28
CA HIS B 26 -10.19 -10.65 -20.87
C HIS B 26 -9.99 -9.41 -21.75
N HIS B 27 -10.26 -9.57 -23.05
CA HIS B 27 -10.04 -8.52 -24.06
C HIS B 27 -11.27 -7.66 -24.23
N SER B 28 -12.38 -8.28 -24.64
CA SER B 28 -13.59 -7.55 -24.98
C SER B 28 -14.23 -6.88 -23.76
N LYS B 29 -14.14 -7.52 -22.60
CA LYS B 29 -14.75 -6.98 -21.39
C LYS B 29 -13.74 -6.27 -20.52
N HIS B 30 -12.76 -6.99 -20.01
CA HIS B 30 -11.85 -6.46 -18.99
C HIS B 30 -11.02 -5.28 -19.47
N HIS B 31 -10.26 -5.49 -20.54
CA HIS B 31 -9.42 -4.43 -21.09
C HIS B 31 -10.25 -3.24 -21.59
N GLN B 32 -11.40 -3.53 -22.19
CA GLN B 32 -12.28 -2.47 -22.68
C GLN B 32 -12.69 -1.55 -21.53
N THR B 33 -12.99 -2.16 -20.38
CA THR B 33 -13.38 -1.41 -19.18
C THR B 33 -12.27 -0.44 -18.76
N TYR B 34 -11.03 -0.89 -18.86
CA TYR B 34 -9.87 -0.06 -18.52
C TYR B 34 -9.67 1.10 -19.52
N VAL B 35 -9.89 0.83 -20.80
CA VAL B 35 -9.85 1.89 -21.81
C VAL B 35 -10.88 2.99 -21.48
N ASN B 36 -12.12 2.60 -21.23
CA ASN B 36 -13.17 3.57 -20.99
C ASN B 36 -12.87 4.39 -19.74
N GLY B 37 -12.36 3.69 -18.73
CA GLY B 37 -12.05 4.30 -17.44
C GLY B 37 -10.93 5.30 -17.60
N LEU B 38 -9.97 4.98 -18.48
CA LEU B 38 -8.86 5.87 -18.76
C LEU B 38 -9.32 7.18 -19.40
N ASN B 39 -10.07 7.09 -20.51
CA ASN B 39 -10.61 8.28 -21.16
C ASN B 39 -11.49 9.10 -20.20
N SER B 40 -12.32 8.42 -19.41
CA SER B 40 -13.19 9.08 -18.43
C SER B 40 -12.39 9.84 -17.36
N ALA B 41 -11.33 9.22 -16.87
CA ALA B 41 -10.45 9.85 -15.89
C ALA B 41 -9.79 11.09 -16.49
N LEU B 42 -9.32 10.97 -17.72
CA LEU B 42 -8.61 12.08 -18.38
C LEU B 42 -9.55 13.23 -18.73
N GLU B 43 -10.79 12.92 -19.11
CA GLU B 43 -11.81 13.94 -19.38
C GLU B 43 -12.20 14.67 -18.11
N ALA B 44 -12.44 13.90 -17.06
CA ALA B 44 -12.83 14.48 -15.78
C ALA B 44 -11.72 15.36 -15.19
N THR B 45 -10.46 14.99 -15.44
CA THR B 45 -9.31 15.76 -14.98
C THR B 45 -9.20 17.13 -15.67
N ALA B 46 -9.41 17.15 -16.99
CA ALA B 46 -9.34 18.38 -17.76
C ALA B 46 -10.53 19.29 -17.46
N GLU B 47 -11.70 18.68 -17.31
CA GLU B 47 -12.92 19.39 -16.97
C GLU B 47 -12.73 20.15 -15.67
N ALA B 48 -12.07 19.49 -14.71
CA ALA B 48 -11.85 20.07 -13.39
C ALA B 48 -10.86 21.22 -13.48
N GLU B 49 -9.79 20.98 -14.24
CA GLU B 49 -8.69 21.92 -14.35
C GLU B 49 -9.14 23.24 -14.96
N ALA B 50 -10.09 23.19 -15.87
CA ALA B 50 -10.59 24.41 -16.50
C ALA B 50 -11.38 25.23 -15.50
N LYS B 51 -11.94 24.55 -14.49
CA LYS B 51 -12.75 25.19 -13.47
C LYS B 51 -11.97 25.41 -12.16
N GLY B 52 -10.65 25.27 -12.24
CA GLY B 52 -9.76 25.52 -11.10
C GLY B 52 -10.12 24.69 -9.89
N ASP B 53 -10.58 23.47 -10.11
CA ASP B 53 -10.95 22.57 -9.02
C ASP B 53 -9.88 21.49 -8.90
N PHE B 54 -8.83 21.83 -8.17
CA PHE B 54 -7.68 20.95 -8.01
C PHE B 54 -7.99 19.80 -7.06
N THR B 55 -8.98 20.03 -6.19
CA THR B 55 -9.41 19.00 -5.27
C THR B 55 -9.94 17.83 -6.09
N LYS B 56 -10.80 18.13 -7.05
CA LYS B 56 -11.42 17.11 -7.89
C LYS B 56 -10.36 16.46 -8.77
N ALA B 57 -9.51 17.28 -9.38
CA ALA B 57 -8.45 16.79 -10.25
C ALA B 57 -7.62 15.71 -9.56
N ALA B 58 -7.11 16.03 -8.38
CA ALA B 58 -6.26 15.11 -7.62
C ALA B 58 -7.00 13.84 -7.23
N SER B 59 -8.29 13.97 -6.91
CA SER B 59 -9.12 12.86 -6.48
C SER B 59 -9.24 11.76 -7.55
N LEU B 60 -8.98 12.14 -8.80
CA LEU B 60 -9.03 11.19 -9.92
C LEU B 60 -7.71 10.47 -10.15
N ALA B 61 -6.69 10.77 -9.36
CA ALA B 61 -5.41 10.10 -9.52
C ALA B 61 -5.50 8.55 -9.43
N PRO B 62 -6.16 8.00 -8.39
CA PRO B 62 -6.30 6.54 -8.31
C PRO B 62 -6.87 5.87 -9.57
N LEU B 63 -7.96 6.41 -10.10
CA LEU B 63 -8.55 5.89 -11.33
C LEU B 63 -7.64 6.05 -12.56
N LEU B 64 -6.88 7.13 -12.64
CA LEU B 64 -5.94 7.30 -13.73
C LEU B 64 -4.83 6.24 -13.66
N ASN B 65 -4.34 6.01 -12.45
CA ASN B 65 -3.32 4.97 -12.23
C ASN B 65 -3.87 3.60 -12.59
N PHE B 66 -5.04 3.29 -12.05
CA PHE B 66 -5.63 1.96 -12.20
C PHE B 66 -5.99 1.65 -13.65
N HIS B 67 -6.77 2.54 -14.26
CA HIS B 67 -7.21 2.35 -15.63
C HIS B 67 -6.09 2.61 -16.62
N GLY B 68 -5.24 3.59 -16.32
CA GLY B 68 -4.10 3.83 -17.17
C GLY B 68 -3.18 2.63 -17.11
N GLY B 69 -3.10 2.00 -15.94
CA GLY B 69 -2.24 0.85 -15.77
C GLY B 69 -2.79 -0.37 -16.48
N GLY B 70 -4.11 -0.56 -16.39
CA GLY B 70 -4.75 -1.69 -17.04
C GLY B 70 -4.58 -1.66 -18.56
N HIS B 71 -4.79 -0.48 -19.14
CA HIS B 71 -4.62 -0.28 -20.57
C HIS B 71 -3.20 -0.69 -21.02
N LEU B 72 -2.18 -0.10 -20.40
CA LEU B 72 -0.78 -0.39 -20.77
C LEU B 72 -0.40 -1.85 -20.60
N ASN B 73 -0.79 -2.42 -19.47
CA ASN B 73 -0.37 -3.75 -19.10
C ASN B 73 -0.98 -4.78 -19.99
N HIS B 74 -2.27 -4.66 -20.25
CA HIS B 74 -2.93 -5.59 -21.15
C HIS B 74 -2.47 -5.40 -22.58
N THR B 75 -2.23 -4.17 -22.98
CA THR B 75 -1.72 -3.90 -24.32
C THR B 75 -0.45 -4.70 -24.55
N LEU B 76 0.53 -4.54 -23.66
CA LEU B 76 1.76 -5.30 -23.76
C LEU B 76 1.54 -6.82 -23.65
N PHE B 77 0.63 -7.23 -22.77
CA PHE B 77 0.33 -8.65 -22.57
C PHE B 77 -0.06 -9.32 -23.90
N TRP B 78 -1.04 -8.77 -24.60
CA TRP B 78 -1.47 -9.36 -25.86
C TRP B 78 -0.33 -9.47 -26.85
N GLU B 79 0.50 -8.43 -26.87
CA GLU B 79 1.64 -8.38 -27.78
C GLU B 79 2.66 -9.46 -27.53
N ASN B 80 2.83 -9.88 -26.25
CA ASN B 80 3.78 -10.96 -25.96
C ASN B 80 3.13 -12.33 -25.81
N LEU B 81 1.98 -12.48 -26.48
CA LEU B 81 1.30 -13.75 -26.59
C LEU B 81 1.12 -14.07 -28.09
N ALA B 82 1.28 -15.33 -28.45
CA ALA B 82 1.07 -15.75 -29.81
C ALA B 82 0.75 -17.24 -29.83
N PRO B 83 -0.01 -17.69 -30.85
CA PRO B 83 -0.33 -19.12 -30.97
C PRO B 83 0.91 -20.00 -30.99
N ALA B 84 0.82 -21.17 -30.40
CA ALA B 84 1.98 -22.06 -30.29
C ALA B 84 2.47 -22.55 -31.64
N SER B 85 1.59 -22.54 -32.64
CA SER B 85 1.93 -23.03 -33.98
C SER B 85 2.76 -22.00 -34.74
N ARG B 86 2.93 -20.82 -34.17
CA ARG B 86 3.65 -19.74 -34.82
C ARG B 86 4.76 -19.17 -33.93
N GLU B 87 4.55 -17.96 -33.43
CA GLU B 87 5.63 -17.20 -32.79
C GLU B 87 5.58 -17.35 -31.26
N GLY B 88 4.68 -18.19 -30.79
CA GLY B 88 4.49 -18.37 -29.37
C GLY B 88 5.22 -19.61 -28.93
N GLY B 89 5.69 -19.60 -27.69
CA GLY B 89 6.39 -20.74 -27.14
C GLY B 89 7.86 -20.75 -27.52
N GLY B 90 8.50 -21.90 -27.30
CA GLY B 90 9.91 -22.05 -27.56
C GLY B 90 10.72 -21.29 -26.53
N GLU B 91 11.91 -20.83 -26.93
CA GLU B 91 12.78 -20.05 -26.06
C GLU B 91 13.32 -18.89 -26.85
N PRO B 92 13.74 -17.81 -26.17
CA PRO B 92 14.38 -16.70 -26.87
C PRO B 92 15.75 -17.11 -27.42
N ASP B 93 16.29 -16.34 -28.36
CA ASP B 93 17.60 -16.61 -28.91
C ASP B 93 18.39 -15.29 -29.04
N GLY B 94 19.56 -15.37 -29.66
CA GLY B 94 20.34 -14.18 -29.95
C GLY B 94 20.75 -13.43 -28.70
N ALA B 95 20.72 -12.11 -28.78
CA ALA B 95 21.19 -11.23 -27.70
C ALA B 95 20.34 -11.39 -26.46
N LEU B 96 19.06 -11.71 -26.66
CA LEU B 96 18.15 -11.86 -25.57
C LEU B 96 18.55 -13.07 -24.73
N LYS B 97 18.70 -14.21 -25.41
CA LYS B 97 19.09 -15.46 -24.76
C LYS B 97 20.35 -15.31 -23.93
N LYS B 98 21.33 -14.58 -24.47
CA LYS B 98 22.59 -14.35 -23.77
C LYS B 98 22.38 -13.45 -22.56
N ALA B 99 21.42 -12.52 -22.67
CA ALA B 99 21.12 -11.61 -21.57
C ALA B 99 20.37 -12.35 -20.47
N ILE B 100 19.42 -13.20 -20.85
CA ILE B 100 18.74 -14.07 -19.88
C ILE B 100 19.79 -14.91 -19.17
N GLU B 101 20.68 -15.52 -19.94
CA GLU B 101 21.70 -16.41 -19.40
C GLU B 101 22.61 -15.68 -18.42
N ALA B 102 22.94 -14.44 -18.75
CA ALA B 102 23.82 -13.63 -17.90
C ALA B 102 23.24 -13.40 -16.51
N ASP B 103 21.97 -13.01 -16.47
CA ASP B 103 21.36 -12.52 -15.23
C ASP B 103 20.55 -13.57 -14.44
N PHE B 104 20.30 -14.72 -15.05
CA PHE B 104 19.52 -15.77 -14.40
C PHE B 104 20.16 -17.15 -14.50
N GLY B 105 21.31 -17.24 -15.18
CA GLY B 105 22.02 -18.50 -15.29
C GLY B 105 21.60 -19.25 -16.53
N SER B 106 20.29 -19.45 -16.67
CA SER B 106 19.74 -20.11 -17.83
C SER B 106 18.33 -19.57 -18.07
N PHE B 107 17.73 -19.95 -19.19
CA PHE B 107 16.33 -19.64 -19.45
C PHE B 107 15.45 -20.39 -18.47
N GLU B 108 15.77 -21.66 -18.26
CA GLU B 108 15.00 -22.51 -17.36
C GLU B 108 14.95 -21.94 -15.94
N THR B 109 16.08 -21.46 -15.43
CA THR B 109 16.13 -20.89 -14.09
C THR B 109 15.31 -19.59 -14.00
N PHE B 110 15.40 -18.77 -15.03
CA PHE B 110 14.58 -17.57 -15.12
C PHE B 110 13.10 -17.94 -15.08
N ARG B 111 12.75 -19.00 -15.82
CA ARG B 111 11.39 -19.51 -15.93
C ARG B 111 10.89 -20.04 -14.58
N LYS B 112 11.79 -20.68 -13.84
CA LYS B 112 11.52 -21.14 -12.48
C LYS B 112 11.26 -20.00 -11.52
N GLN B 113 12.15 -19.01 -11.54
CA GLN B 113 12.03 -17.91 -10.62
C GLN B 113 10.81 -17.06 -10.93
N MET B 114 10.48 -16.91 -12.21
CA MET B 114 9.33 -16.09 -12.57
C MET B 114 8.05 -16.78 -12.13
N ASN B 115 7.99 -18.09 -12.36
CA ASN B 115 6.87 -18.89 -11.87
C ASN B 115 6.68 -18.77 -10.36
N ALA B 116 7.78 -18.75 -9.61
CA ALA B 116 7.69 -18.55 -8.17
C ALA B 116 7.16 -17.15 -7.84
N ALA B 117 7.67 -16.14 -8.53
CA ALA B 117 7.25 -14.76 -8.31
C ALA B 117 5.75 -14.62 -8.54
N LEU B 118 5.24 -15.28 -9.56
CA LEU B 118 3.82 -15.23 -9.87
C LEU B 118 3.04 -15.89 -8.74
N THR B 119 3.57 -17.03 -8.28
CA THR B 119 2.96 -17.82 -7.21
C THR B 119 2.91 -17.09 -5.88
N GLY B 120 3.87 -16.18 -5.67
CA GLY B 120 3.98 -15.47 -4.41
C GLY B 120 3.21 -14.16 -4.39
N ILE B 121 2.55 -13.81 -5.49
CA ILE B 121 1.74 -12.60 -5.52
C ILE B 121 0.52 -12.84 -4.65
N GLN B 122 0.28 -11.93 -3.71
CA GLN B 122 -0.85 -11.99 -2.79
C GLN B 122 -1.91 -11.01 -3.28
N GLY B 123 -3.09 -11.50 -3.62
CA GLY B 123 -4.10 -10.65 -4.25
C GLY B 123 -3.84 -10.56 -5.75
N SER B 124 -4.19 -9.45 -6.37
CA SER B 124 -4.12 -9.33 -7.82
C SER B 124 -2.82 -8.69 -8.23
N GLY B 125 -2.21 -9.13 -9.32
CA GLY B 125 -0.96 -8.52 -9.72
C GLY B 125 -0.38 -9.11 -10.99
N TRP B 126 0.83 -8.66 -11.31
CA TRP B 126 1.49 -9.00 -12.54
C TRP B 126 2.92 -9.32 -12.21
N ALA B 127 3.52 -10.25 -12.94
CA ALA B 127 4.98 -10.39 -12.93
C ALA B 127 5.53 -10.03 -14.31
N TRP B 128 6.71 -9.41 -14.30
CA TRP B 128 7.37 -8.92 -15.50
C TRP B 128 8.82 -9.31 -15.50
N LEU B 129 9.32 -9.68 -16.68
CA LEU B 129 10.73 -9.58 -16.99
C LEU B 129 10.96 -8.12 -17.39
N ALA B 130 11.86 -7.42 -16.72
CA ALA B 130 12.09 -6.02 -17.03
C ALA B 130 13.57 -5.73 -17.20
N LYS B 131 13.89 -4.63 -17.88
CA LYS B 131 15.27 -4.27 -18.18
C LYS B 131 15.64 -2.89 -17.65
N ASP B 132 16.70 -2.83 -16.85
CA ASP B 132 17.18 -1.56 -16.30
C ASP B 132 17.60 -0.65 -17.44
N LYS B 133 17.12 0.59 -17.42
CA LYS B 133 17.25 1.49 -18.56
C LYS B 133 18.67 1.96 -18.81
N ASP B 134 19.54 1.78 -17.81
CA ASP B 134 20.90 2.31 -17.87
C ASP B 134 21.92 1.20 -18.08
N SER B 135 21.79 0.12 -17.31
CA SER B 135 22.78 -0.95 -17.32
C SER B 135 22.36 -2.06 -18.28
N GLY B 136 21.05 -2.21 -18.46
CA GLY B 136 20.51 -3.29 -19.27
C GLY B 136 20.32 -4.59 -18.52
N ASN B 137 20.74 -4.64 -17.27
CA ASN B 137 20.54 -5.84 -16.47
C ASN B 137 19.06 -6.21 -16.39
N LEU B 138 18.76 -7.51 -16.47
CA LEU B 138 17.39 -8.01 -16.40
C LEU B 138 16.99 -8.44 -14.98
N ALA B 139 15.70 -8.32 -14.66
CA ALA B 139 15.19 -8.78 -13.38
C ALA B 139 13.73 -9.19 -13.49
N ILE B 140 13.25 -9.90 -12.48
CA ILE B 140 11.85 -10.21 -12.35
C ILE B 140 11.26 -9.30 -11.26
N VAL B 141 10.24 -8.53 -11.60
CA VAL B 141 9.57 -7.70 -10.61
C VAL B 141 8.11 -8.13 -10.56
N THR B 142 7.45 -7.77 -9.47
CA THR B 142 6.02 -7.96 -9.34
C THR B 142 5.36 -6.58 -9.16
N ARG B 143 4.12 -6.46 -9.62
CA ARG B 143 3.35 -5.24 -9.42
C ARG B 143 1.97 -5.61 -8.89
N ALA B 144 1.46 -4.83 -7.94
CA ALA B 144 0.13 -5.08 -7.39
C ALA B 144 -0.92 -4.50 -8.32
N ASN B 145 -2.02 -5.22 -8.47
CA ASN B 145 -3.18 -4.71 -9.20
C ASN B 145 -2.80 -4.35 -10.63
N GLN B 146 -2.89 -3.08 -11.01
CA GLN B 146 -2.50 -2.66 -12.36
C GLN B 146 -1.36 -1.66 -12.37
N ASP B 147 -0.65 -1.53 -11.26
CA ASP B 147 0.49 -0.63 -11.20
C ASP B 147 1.48 -0.98 -12.31
N PRO B 148 1.99 0.02 -13.04
CA PRO B 148 2.88 -0.28 -14.17
C PRO B 148 4.36 -0.46 -13.83
N VAL B 149 5.12 -1.01 -14.77
CA VAL B 149 6.58 -1.03 -14.70
C VAL B 149 7.11 0.23 -15.39
N THR B 150 7.59 1.19 -14.63
CA THR B 150 7.97 2.49 -15.20
C THR B 150 9.21 3.08 -14.53
N GLY B 151 9.74 4.17 -15.06
CA GLY B 151 10.93 4.78 -14.52
C GLY B 151 12.21 4.04 -14.88
N GLN B 152 12.91 3.56 -13.87
CA GLN B 152 14.22 2.93 -14.04
C GLN B 152 14.15 1.62 -14.83
N LEU B 153 12.96 1.03 -14.88
CA LEU B 153 12.77 -0.27 -15.48
C LEU B 153 11.80 -0.24 -16.65
N VAL B 154 12.12 -1.03 -17.67
CA VAL B 154 11.33 -1.08 -18.89
C VAL B 154 10.76 -2.50 -19.00
N PRO B 155 9.44 -2.62 -19.15
CA PRO B 155 8.90 -3.99 -19.19
C PRO B 155 9.17 -4.68 -20.54
N LEU B 156 9.48 -5.97 -20.53
CA LEU B 156 9.80 -6.70 -21.75
C LEU B 156 8.83 -7.86 -21.97
N MET B 157 8.39 -8.48 -20.88
CA MET B 157 7.53 -9.65 -20.98
C MET B 157 6.72 -9.74 -19.71
N GLY B 158 5.39 -9.68 -19.83
CA GLY B 158 4.51 -9.75 -18.68
C GLY B 158 3.62 -10.97 -18.68
N ILE B 159 3.31 -11.44 -17.47
CA ILE B 159 2.30 -12.46 -17.24
C ILE B 159 1.31 -11.97 -16.18
N ASP B 160 0.04 -11.93 -16.56
CA ASP B 160 -1.05 -11.44 -15.72
C ASP B 160 -1.40 -12.50 -14.68
N ALA B 161 -1.48 -12.10 -13.41
CA ALA B 161 -1.74 -13.06 -12.33
C ALA B 161 -3.05 -12.80 -11.62
N TRP B 162 -3.86 -11.87 -12.11
CA TRP B 162 -5.23 -11.71 -11.63
C TRP B 162 -5.96 -13.02 -11.90
N GLU B 163 -6.92 -13.36 -11.05
CA GLU B 163 -7.62 -14.62 -11.18
C GLU B 163 -8.44 -14.70 -12.48
N HIS B 164 -8.86 -13.56 -13.02
CA HIS B 164 -9.63 -13.60 -14.26
C HIS B 164 -8.76 -14.04 -15.44
N ALA B 165 -7.45 -14.08 -15.24
CA ALA B 165 -6.55 -14.51 -16.30
C ALA B 165 -6.54 -16.05 -16.45
N TYR B 166 -7.13 -16.77 -15.50
CA TYR B 166 -7.03 -18.23 -15.49
C TYR B 166 -8.17 -19.02 -14.83
N TYR B 167 -9.01 -18.37 -14.04
CA TYR B 167 -9.88 -19.14 -13.15
C TYR B 167 -10.92 -20.00 -13.88
N LEU B 168 -11.47 -19.50 -14.99
CA LEU B 168 -12.47 -20.26 -15.75
C LEU B 168 -11.93 -21.62 -16.18
N GLN B 169 -10.65 -21.66 -16.54
CA GLN B 169 -10.02 -22.88 -17.07
C GLN B 169 -9.33 -23.68 -15.98
N TYR B 170 -8.50 -23.02 -15.18
CA TYR B 170 -7.71 -23.70 -14.16
C TYR B 170 -8.22 -23.61 -12.71
N GLU B 171 -9.27 -22.82 -12.45
CA GLU B 171 -9.77 -22.64 -11.11
C GLU B 171 -8.63 -22.20 -10.18
N ASN B 172 -8.54 -22.80 -9.00
CA ASN B 172 -7.52 -22.45 -8.01
C ASN B 172 -6.10 -22.90 -8.37
N ARG B 173 -5.97 -23.68 -9.43
CA ARG B 173 -4.72 -24.32 -9.77
C ARG B 173 -3.87 -23.39 -10.61
N LYS B 174 -3.46 -22.28 -9.99
CA LYS B 174 -2.74 -21.24 -10.67
C LYS B 174 -1.39 -21.73 -11.16
N ALA B 175 -0.83 -22.74 -10.49
CA ALA B 175 0.47 -23.26 -10.89
C ALA B 175 0.43 -23.89 -12.27
N GLU B 176 -0.74 -24.44 -12.63
CA GLU B 176 -0.93 -25.03 -13.94
C GLU B 176 -1.02 -23.96 -15.01
N TYR B 177 -1.69 -22.85 -14.68
CA TYR B 177 -1.74 -21.71 -15.59
C TYR B 177 -0.34 -21.15 -15.81
N PHE B 178 0.39 -20.88 -14.72
CA PHE B 178 1.71 -20.29 -14.82
C PHE B 178 2.68 -21.16 -15.65
N GLU B 179 2.54 -22.48 -15.56
CA GLU B 179 3.38 -23.41 -16.33
C GLU B 179 2.95 -23.46 -17.79
N ALA B 180 1.64 -23.54 -18.02
CA ALA B 180 1.10 -23.64 -19.37
C ALA B 180 1.40 -22.41 -20.26
N ILE B 181 1.38 -21.21 -19.69
CA ILE B 181 1.42 -20.00 -20.52
C ILE B 181 2.71 -19.84 -21.31
N TRP B 182 3.79 -20.44 -20.84
CA TRP B 182 5.06 -20.33 -21.53
C TRP B 182 4.98 -20.86 -22.95
N ASN B 183 4.00 -21.72 -23.21
CA ASN B 183 3.79 -22.28 -24.53
C ASN B 183 3.28 -21.28 -25.57
N VAL B 184 2.79 -20.13 -25.09
CA VAL B 184 2.24 -19.11 -25.96
C VAL B 184 2.87 -17.72 -25.76
N ILE B 185 4.06 -17.65 -25.18
CA ILE B 185 4.79 -16.37 -25.06
C ILE B 185 5.51 -16.00 -26.35
N ASN B 186 5.25 -14.80 -26.87
CA ASN B 186 5.91 -14.36 -28.10
C ASN B 186 7.31 -13.78 -27.84
N TRP B 187 8.35 -14.62 -27.97
CA TRP B 187 9.70 -14.19 -27.64
C TRP B 187 10.29 -13.33 -28.73
N LYS B 188 9.61 -13.21 -29.85
CA LYS B 188 10.02 -12.28 -30.89
C LYS B 188 9.64 -10.86 -30.48
N THR B 189 8.46 -10.70 -29.89
CA THR B 189 8.07 -9.38 -29.38
C THR B 189 9.03 -8.95 -28.27
N VAL B 190 9.35 -9.86 -27.36
CA VAL B 190 10.22 -9.55 -26.23
C VAL B 190 11.58 -9.07 -26.70
N ALA B 191 12.13 -9.73 -27.72
CA ALA B 191 13.44 -9.38 -28.22
C ALA B 191 13.44 -8.04 -28.93
N GLN B 192 12.30 -7.68 -29.53
CA GLN B 192 12.14 -6.36 -30.10
C GLN B 192 12.22 -5.30 -29.01
N ARG B 193 11.45 -5.50 -27.95
CA ARG B 193 11.48 -4.59 -26.81
C ARG B 193 12.88 -4.51 -26.22
N PHE B 194 13.52 -5.66 -26.12
CA PHE B 194 14.87 -5.76 -25.58
C PHE B 194 15.85 -4.89 -26.35
N GLU B 195 15.63 -4.78 -27.66
CA GLU B 195 16.56 -4.04 -28.54
C GLU B 195 16.37 -2.55 -28.34
N LYS B 196 15.14 -2.13 -28.07
CA LYS B 196 14.80 -0.72 -27.96
C LYS B 196 14.81 -0.18 -26.53
N ALA B 197 15.28 -0.98 -25.58
CA ALA B 197 15.37 -0.56 -24.18
C ALA B 197 16.75 -0.91 -23.61
N LYS C 1 15.52 -12.51 23.53
CA LYS C 1 14.87 -11.20 23.23
C LYS C 1 15.79 -10.23 22.47
N ALA C 2 15.21 -9.45 21.57
CA ALA C 2 15.94 -8.48 20.78
C ALA C 2 16.53 -7.41 21.71
N THR C 3 17.67 -6.84 21.34
CA THR C 3 18.28 -5.78 22.14
C THR C 3 18.79 -4.68 21.25
N LEU C 4 18.90 -3.48 21.81
CA LEU C 4 19.47 -2.34 21.10
C LEU C 4 20.98 -2.59 20.94
N PRO C 5 21.47 -2.61 19.68
CA PRO C 5 22.92 -2.74 19.53
C PRO C 5 23.60 -1.47 20.01
N ASP C 6 24.85 -1.58 20.41
CA ASP C 6 25.62 -0.40 20.79
C ASP C 6 26.27 0.16 19.53
N LEU C 7 26.33 1.48 19.42
CA LEU C 7 27.10 2.11 18.37
C LEU C 7 28.57 1.77 18.60
N LYS C 8 29.36 1.87 17.54
CA LYS C 8 30.79 1.64 17.67
C LYS C 8 31.53 2.94 17.99
N TYR C 9 30.79 4.02 18.16
CA TYR C 9 31.39 5.33 18.42
C TYR C 9 30.44 6.26 19.18
N ASP C 10 30.96 7.42 19.57
CA ASP C 10 30.18 8.41 20.30
C ASP C 10 29.20 9.08 19.39
N TYR C 11 28.07 9.49 19.95
CA TYR C 11 27.00 10.15 19.20
C TYR C 11 27.45 11.32 18.30
N GLY C 12 28.42 12.12 18.74
CA GLY C 12 28.80 13.30 17.98
C GLY C 12 29.94 13.03 16.99
N ALA C 13 30.24 11.76 16.79
CA ALA C 13 31.42 11.35 16.04
C ALA C 13 31.19 11.37 14.54
N LEU C 14 29.94 11.56 14.12
CA LEU C 14 29.64 11.67 12.69
C LEU C 14 29.41 13.11 12.29
N GLU C 15 29.65 14.04 13.22
CA GLU C 15 29.60 15.46 12.91
C GLU C 15 30.79 15.82 12.00
N PRO C 16 30.62 16.84 11.15
CA PRO C 16 29.47 17.75 11.08
C PRO C 16 28.36 17.21 10.19
N TYR C 17 28.57 16.04 9.63
CA TYR C 17 27.63 15.47 8.66
C TYR C 17 26.29 15.10 9.28
N ILE C 18 26.31 14.41 10.43
CA ILE C 18 25.08 14.22 11.22
C ILE C 18 25.30 14.71 12.66
N SER C 19 24.37 15.52 13.16
CA SER C 19 24.54 16.13 14.47
C SER C 19 24.43 15.07 15.54
N ALA C 20 24.97 15.39 16.72
CA ALA C 20 24.99 14.50 17.86
C ALA C 20 23.58 14.25 18.37
N ARG C 21 22.77 15.29 18.38
CA ARG C 21 21.41 15.17 18.91
C ARG C 21 20.63 14.18 18.07
N ILE C 22 20.75 14.30 16.75
CA ILE C 22 20.08 13.39 15.83
C ILE C 22 20.50 11.94 16.09
N MET C 23 21.81 11.68 16.14
CA MET C 23 22.31 10.34 16.37
C MET C 23 21.77 9.78 17.68
N GLU C 24 21.73 10.65 18.69
CA GLU C 24 21.29 10.27 20.02
C GLU C 24 19.83 9.82 20.03
N LEU C 25 18.98 10.66 19.46
CA LEU C 25 17.54 10.40 19.41
C LEU C 25 17.28 9.22 18.52
N HIS C 26 17.95 9.22 17.39
CA HIS C 26 17.73 8.21 16.37
C HIS C 26 18.01 6.81 16.92
N HIS C 27 19.08 6.72 17.72
CA HIS C 27 19.53 5.47 18.34
C HIS C 27 18.77 5.14 19.65
N SER C 28 18.80 6.07 20.60
CA SER C 28 18.25 5.81 21.95
C SER C 28 16.73 5.96 22.04
N LYS C 29 16.12 6.68 21.12
CA LYS C 29 14.69 6.88 21.18
C LYS C 29 13.99 6.07 20.09
N HIS C 30 14.25 6.38 18.84
CA HIS C 30 13.55 5.72 17.74
C HIS C 30 13.85 4.21 17.65
N HIS C 31 15.13 3.83 17.61
CA HIS C 31 15.51 2.43 17.50
C HIS C 31 15.13 1.63 18.73
N GLN C 32 15.39 2.20 19.90
CA GLN C 32 14.95 1.61 21.16
C GLN C 32 13.45 1.36 21.17
N THR C 33 12.68 2.24 20.53
CA THR C 33 11.23 2.05 20.45
C THR C 33 10.88 0.86 19.55
N TYR C 34 11.64 0.63 18.49
CA TYR C 34 11.38 -0.50 17.61
C TYR C 34 11.72 -1.81 18.33
N VAL C 35 12.87 -1.83 18.99
CA VAL C 35 13.27 -3.00 19.80
C VAL C 35 12.19 -3.36 20.82
N ASN C 36 11.64 -2.36 21.50
CA ASN C 36 10.60 -2.61 22.50
C ASN C 36 9.32 -3.14 21.86
N GLY C 37 8.97 -2.56 20.72
CA GLY C 37 7.76 -2.96 20.02
C GLY C 37 7.88 -4.34 19.42
N LEU C 38 9.08 -4.72 19.02
CA LEU C 38 9.30 -6.02 18.41
C LEU C 38 9.12 -7.11 19.45
N ASN C 39 9.69 -6.90 20.63
CA ASN C 39 9.56 -7.84 21.71
C ASN C 39 8.11 -7.91 22.15
N SER C 40 7.47 -6.75 22.24
CA SER C 40 6.07 -6.66 22.62
C SER C 40 5.19 -7.48 21.66
N ALA C 41 5.51 -7.43 20.38
CA ALA C 41 4.73 -8.12 19.35
C ALA C 41 4.94 -9.63 19.45
N LEU C 42 6.18 -10.03 19.70
CA LEU C 42 6.52 -11.43 19.73
C LEU C 42 5.99 -12.08 21.00
N GLU C 43 5.94 -11.31 22.08
CA GLU C 43 5.30 -11.79 23.32
C GLU C 43 3.79 -11.92 23.10
N ALA C 44 3.20 -10.96 22.40
CA ALA C 44 1.77 -10.96 22.18
C ALA C 44 1.34 -12.08 21.25
N THR C 45 2.18 -12.38 20.24
CA THR C 45 1.86 -13.45 19.28
C THR C 45 1.85 -14.80 20.00
N ALA C 46 2.82 -14.99 20.89
CA ALA C 46 2.93 -16.22 21.66
C ALA C 46 1.77 -16.39 22.66
N GLU C 47 1.39 -15.30 23.32
CA GLU C 47 0.33 -15.34 24.31
C GLU C 47 -1.01 -15.71 23.69
N ALA C 48 -1.24 -15.29 22.45
CA ALA C 48 -2.49 -15.57 21.74
C ALA C 48 -2.45 -16.99 21.16
N GLU C 49 -1.29 -17.38 20.63
CA GLU C 49 -1.09 -18.69 20.05
C GLU C 49 -1.39 -19.78 21.07
N ALA C 50 -0.99 -19.54 22.31
CA ALA C 50 -1.21 -20.51 23.38
C ALA C 50 -2.67 -20.56 23.81
N LYS C 51 -3.43 -19.49 23.53
CA LYS C 51 -4.86 -19.43 23.85
C LYS C 51 -5.72 -19.82 22.66
N GLY C 52 -5.08 -20.17 21.54
CA GLY C 52 -5.81 -20.52 20.33
C GLY C 52 -6.61 -19.37 19.76
N ASP C 53 -6.20 -18.13 20.09
CA ASP C 53 -6.83 -16.94 19.56
C ASP C 53 -6.08 -16.46 18.31
N PHE C 54 -6.39 -17.08 17.18
CA PHE C 54 -5.64 -16.85 15.93
C PHE C 54 -5.98 -15.50 15.31
N THR C 55 -7.12 -14.96 15.73
CA THR C 55 -7.55 -13.64 15.31
C THR C 55 -6.57 -12.62 15.88
N LYS C 56 -6.31 -12.73 17.19
CA LYS C 56 -5.33 -11.87 17.85
C LYS C 56 -3.94 -12.07 17.24
N ALA C 57 -3.56 -13.33 17.02
CA ALA C 57 -2.22 -13.65 16.51
C ALA C 57 -1.92 -12.97 15.18
N ALA C 58 -2.92 -12.95 14.31
CA ALA C 58 -2.77 -12.41 12.97
C ALA C 58 -2.73 -10.90 13.00
N SER C 59 -3.53 -10.33 13.90
CA SER C 59 -3.69 -8.89 14.02
C SER C 59 -2.39 -8.20 14.42
N LEU C 60 -1.44 -8.97 14.94
CA LEU C 60 -0.18 -8.43 15.41
C LEU C 60 0.87 -8.36 14.32
N ALA C 61 0.48 -8.68 13.08
CA ALA C 61 1.43 -8.76 11.99
C ALA C 61 1.97 -7.39 11.57
N PRO C 62 1.09 -6.39 11.39
CA PRO C 62 1.61 -5.07 11.01
C PRO C 62 2.66 -4.56 12.01
N LEU C 63 2.42 -4.79 13.30
CA LEU C 63 3.36 -4.38 14.32
C LEU C 63 4.65 -5.18 14.24
N LEU C 64 4.55 -6.49 13.98
CA LEU C 64 5.75 -7.30 13.77
C LEU C 64 6.53 -6.83 12.55
N ASN C 65 5.83 -6.43 11.50
CA ASN C 65 6.50 -5.97 10.30
C ASN C 65 7.16 -4.63 10.55
N PHE C 66 6.44 -3.78 11.27
CA PHE C 66 6.87 -2.40 11.49
C PHE C 66 8.08 -2.33 12.39
N HIS C 67 7.98 -2.95 13.56
CA HIS C 67 9.06 -2.90 14.55
C HIS C 67 10.25 -3.77 14.20
N GLY C 68 9.97 -4.99 13.73
CA GLY C 68 11.03 -5.89 13.32
C GLY C 68 11.79 -5.39 12.11
N GLY C 69 11.10 -4.65 11.24
CA GLY C 69 11.78 -4.02 10.13
C GLY C 69 12.63 -2.88 10.65
N GLY C 70 12.04 -2.02 11.46
CA GLY C 70 12.78 -0.91 12.03
C GLY C 70 14.01 -1.38 12.79
N HIS C 71 13.91 -2.51 13.48
CA HIS C 71 15.06 -3.06 14.18
C HIS C 71 16.15 -3.45 13.20
N LEU C 72 15.76 -4.13 12.13
CA LEU C 72 16.74 -4.63 11.18
C LEU C 72 17.42 -3.49 10.45
N ASN C 73 16.62 -2.54 9.97
CA ASN C 73 17.10 -1.45 9.14
C ASN C 73 18.13 -0.59 9.87
N HIS C 74 17.78 -0.16 11.07
CA HIS C 74 18.65 0.70 11.87
C HIS C 74 19.89 -0.02 12.36
N THR C 75 19.77 -1.30 12.66
CA THR C 75 20.93 -2.10 13.03
C THR C 75 21.95 -2.04 11.90
N LEU C 76 21.49 -2.43 10.71
CA LEU C 76 22.32 -2.37 9.52
C LEU C 76 22.86 -0.97 9.26
N PHE C 77 22.02 0.02 9.53
CA PHE C 77 22.32 1.42 9.22
C PHE C 77 23.45 1.93 10.08
N TRP C 78 23.46 1.59 11.37
CA TRP C 78 24.56 2.01 12.22
C TRP C 78 25.84 1.36 11.78
N GLU C 79 25.73 0.14 11.25
CA GLU C 79 26.90 -0.63 10.87
C GLU C 79 27.60 -0.07 9.61
N ASN C 80 26.84 0.51 8.67
CA ASN C 80 27.47 1.14 7.50
C ASN C 80 27.65 2.65 7.64
N LEU C 81 27.75 3.10 8.89
CA LEU C 81 28.16 4.46 9.20
C LEU C 81 29.44 4.44 10.05
N ALA C 82 30.33 5.42 9.83
CA ALA C 82 31.55 5.53 10.64
C ALA C 82 32.14 6.95 10.51
N PRO C 83 33.07 7.30 11.42
CA PRO C 83 33.64 8.66 11.36
C PRO C 83 34.56 8.83 10.16
N ALA C 84 34.65 10.04 9.62
CA ALA C 84 35.43 10.30 8.44
C ALA C 84 36.93 10.12 8.70
N SER C 85 37.38 10.50 9.89
CA SER C 85 38.79 10.37 10.26
C SER C 85 39.20 8.90 10.30
N ARG C 86 38.19 8.02 10.31
CA ARG C 86 38.43 6.60 10.42
C ARG C 86 37.87 5.86 9.19
N GLU C 87 37.09 4.81 9.42
CA GLU C 87 36.61 3.94 8.35
C GLU C 87 35.53 4.60 7.48
N GLY C 88 35.09 5.80 7.84
CA GLY C 88 33.97 6.41 7.15
C GLY C 88 34.40 7.19 5.92
N GLY C 89 33.52 7.29 4.94
CA GLY C 89 33.75 8.13 3.76
C GLY C 89 34.50 7.44 2.63
N GLY C 90 34.89 8.22 1.63
CA GLY C 90 35.69 7.72 0.53
C GLY C 90 34.90 6.90 -0.45
N GLU C 91 35.57 5.96 -1.12
CA GLU C 91 34.94 5.05 -2.07
C GLU C 91 35.35 3.62 -1.74
N PRO C 92 34.54 2.64 -2.18
CA PRO C 92 34.91 1.25 -1.99
C PRO C 92 36.08 0.85 -2.88
N ASP C 93 36.64 -0.32 -2.61
CA ASP C 93 37.75 -0.84 -3.39
C ASP C 93 37.51 -2.33 -3.67
N GLY C 94 38.35 -2.92 -4.50
CA GLY C 94 38.34 -4.36 -4.71
C GLY C 94 37.13 -4.86 -5.47
N ALA C 95 36.66 -6.05 -5.10
CA ALA C 95 35.55 -6.72 -5.78
C ALA C 95 34.28 -5.89 -5.80
N LEU C 96 34.01 -5.19 -4.69
CA LEU C 96 32.82 -4.37 -4.54
C LEU C 96 32.82 -3.20 -5.52
N LYS C 97 33.94 -2.46 -5.53
CA LYS C 97 34.09 -1.32 -6.41
C LYS C 97 33.81 -1.71 -7.86
N LYS C 98 34.38 -2.84 -8.27
CA LYS C 98 34.25 -3.33 -9.63
C LYS C 98 32.84 -3.82 -9.93
N ALA C 99 32.22 -4.53 -8.99
CA ALA C 99 30.81 -4.92 -9.13
C ALA C 99 29.90 -3.70 -9.32
N ILE C 100 30.19 -2.63 -8.59
CA ILE C 100 29.47 -1.38 -8.74
C ILE C 100 29.68 -0.79 -10.15
N GLU C 101 30.93 -0.81 -10.63
CA GLU C 101 31.26 -0.35 -11.97
C GLU C 101 30.57 -1.16 -13.07
N ALA C 102 30.34 -2.44 -12.79
CA ALA C 102 29.72 -3.33 -13.74
C ALA C 102 28.24 -3.01 -13.92
N ASP C 103 27.58 -2.67 -12.80
CA ASP C 103 26.11 -2.56 -12.75
C ASP C 103 25.61 -1.12 -12.74
N PHE C 104 26.50 -0.16 -12.56
CA PHE C 104 26.16 1.28 -12.65
C PHE C 104 27.17 2.05 -13.52
N GLY C 105 28.16 1.37 -14.08
CA GLY C 105 29.17 2.03 -14.89
C GLY C 105 30.29 2.67 -14.09
N SER C 106 29.93 3.50 -13.13
CA SER C 106 30.92 4.14 -12.27
C SER C 106 30.37 4.31 -10.86
N PHE C 107 31.26 4.54 -9.89
CA PHE C 107 30.85 4.77 -8.52
C PHE C 107 30.02 6.06 -8.42
N GLU C 108 30.37 7.05 -9.25
CA GLU C 108 29.72 8.36 -9.19
C GLU C 108 28.31 8.34 -9.81
N THR C 109 28.11 7.52 -10.83
CA THR C 109 26.79 7.31 -11.43
C THR C 109 25.83 6.66 -10.43
N PHE C 110 26.35 5.68 -9.70
CA PHE C 110 25.61 4.99 -8.64
C PHE C 110 25.20 5.97 -7.56
N ARG C 111 26.15 6.81 -7.18
CA ARG C 111 25.94 7.84 -6.18
C ARG C 111 24.79 8.76 -6.55
N LYS C 112 24.78 9.21 -7.82
CA LYS C 112 23.73 10.10 -8.30
C LYS C 112 22.39 9.38 -8.37
N GLN C 113 22.45 8.10 -8.74
CA GLN C 113 21.25 7.27 -8.82
C GLN C 113 20.69 6.99 -7.42
N MET C 114 21.58 6.82 -6.44
CA MET C 114 21.18 6.63 -5.05
C MET C 114 20.50 7.88 -4.49
N ASN C 115 21.12 9.05 -4.70
CA ASN C 115 20.53 10.28 -4.23
C ASN C 115 19.21 10.57 -4.93
N ALA C 116 19.14 10.26 -6.21
CA ALA C 116 17.90 10.40 -6.97
C ALA C 116 16.85 9.46 -6.38
N ALA C 117 17.26 8.25 -6.06
CA ALA C 117 16.36 7.29 -5.43
C ALA C 117 15.82 7.83 -4.11
N LEU C 118 16.71 8.37 -3.29
CA LEU C 118 16.35 8.84 -1.96
C LEU C 118 15.37 9.98 -2.07
N THR C 119 15.66 10.88 -3.00
CA THR C 119 14.87 12.09 -3.18
C THR C 119 13.45 11.75 -3.67
N GLY C 120 13.30 10.67 -4.42
CA GLY C 120 12.01 10.29 -4.98
C GLY C 120 11.05 9.57 -4.05
N ILE C 121 11.53 9.18 -2.87
CA ILE C 121 10.67 8.54 -1.88
C ILE C 121 9.61 9.52 -1.40
N GLN C 122 8.35 9.13 -1.52
CA GLN C 122 7.23 9.93 -1.03
C GLN C 122 6.84 9.41 0.33
N GLY C 123 6.89 10.28 1.34
CA GLY C 123 6.63 9.87 2.70
C GLY C 123 7.89 9.32 3.35
N SER C 124 7.72 8.39 4.29
CA SER C 124 8.83 7.82 5.04
C SER C 124 9.40 6.60 4.33
N GLY C 125 10.71 6.39 4.40
CA GLY C 125 11.31 5.28 3.69
C GLY C 125 12.82 5.21 3.68
N TRP C 126 13.35 4.23 2.95
CA TRP C 126 14.76 3.91 2.91
C TRP C 126 15.18 3.68 1.47
N ALA C 127 16.47 3.87 1.19
CA ALA C 127 17.07 3.44 -0.06
C ALA C 127 18.25 2.51 0.25
N TRP C 128 18.36 1.43 -0.50
CA TRP C 128 19.39 0.41 -0.28
C TRP C 128 20.16 0.09 -1.55
N LEU C 129 21.45 -0.13 -1.41
CA LEU C 129 22.18 -0.90 -2.40
C LEU C 129 21.98 -2.36 -1.97
N ALA C 130 21.45 -3.20 -2.86
CA ALA C 130 21.17 -4.59 -2.54
C ALA C 130 21.83 -5.50 -3.56
N LYS C 131 21.93 -6.78 -3.24
CA LYS C 131 22.56 -7.74 -4.12
C LYS C 131 21.64 -8.95 -4.27
N ASP C 132 21.47 -9.41 -5.51
CA ASP C 132 20.67 -10.59 -5.79
C ASP C 132 21.43 -11.85 -5.36
N LYS C 133 20.79 -12.67 -4.54
CA LYS C 133 21.46 -13.78 -3.85
C LYS C 133 21.82 -14.92 -4.80
N ASP C 134 21.27 -14.89 -6.01
CA ASP C 134 21.57 -15.90 -7.02
C ASP C 134 22.49 -15.39 -8.13
N SER C 135 22.19 -14.21 -8.67
CA SER C 135 22.90 -13.71 -9.83
C SER C 135 24.09 -12.85 -9.44
N GLY C 136 24.07 -12.34 -8.21
CA GLY C 136 25.15 -11.52 -7.72
C GLY C 136 25.10 -10.08 -8.20
N ASN C 137 24.03 -9.76 -8.95
CA ASN C 137 23.81 -8.43 -9.51
C ASN C 137 23.43 -7.41 -8.44
N LEU C 138 23.94 -6.19 -8.55
CA LEU C 138 23.64 -5.10 -7.62
C LEU C 138 22.54 -4.20 -8.16
N ALA C 139 21.76 -3.62 -7.25
CA ALA C 139 20.65 -2.77 -7.64
C ALA C 139 20.35 -1.79 -6.52
N ILE C 140 19.71 -0.68 -6.85
CA ILE C 140 19.22 0.25 -5.85
C ILE C 140 17.72 0.05 -5.74
N VAL C 141 17.22 -0.11 -4.53
CA VAL C 141 15.78 -0.26 -4.30
C VAL C 141 15.34 0.75 -3.24
N THR C 142 14.04 0.96 -3.13
CA THR C 142 13.49 1.78 -2.05
C THR C 142 12.47 0.96 -1.26
N ARG C 143 12.24 1.33 0.00
CA ARG C 143 11.24 0.66 0.82
C ARG C 143 10.41 1.69 1.58
N ALA C 144 9.13 1.39 1.74
CA ALA C 144 8.26 2.30 2.47
C ALA C 144 8.44 2.06 3.95
N ASN C 145 8.47 3.13 4.74
CA ASN C 145 8.44 3.04 6.19
C ASN C 145 9.57 2.16 6.71
N GLN C 146 9.26 1.04 7.34
CA GLN C 146 10.30 0.14 7.83
C GLN C 146 10.26 -1.22 7.13
N ASP C 147 9.56 -1.29 6.01
CA ASP C 147 9.51 -2.53 5.24
C ASP C 147 10.94 -2.94 4.90
N PRO C 148 11.35 -4.16 5.30
CA PRO C 148 12.74 -4.57 5.11
C PRO C 148 13.12 -4.96 3.68
N VAL C 149 14.42 -5.18 3.46
CA VAL C 149 14.90 -5.82 2.24
C VAL C 149 15.16 -7.29 2.58
N THR C 150 14.43 -8.19 1.91
CA THR C 150 14.50 -9.62 2.21
C THR C 150 14.21 -10.48 0.99
N GLY C 151 14.61 -11.75 1.08
CA GLY C 151 14.28 -12.72 0.06
C GLY C 151 15.32 -12.86 -1.03
N GLN C 152 14.98 -12.36 -2.21
CA GLN C 152 15.85 -12.49 -3.37
C GLN C 152 16.99 -11.49 -3.30
N LEU C 153 16.75 -10.37 -2.62
CA LEU C 153 17.75 -9.32 -2.44
C LEU C 153 18.36 -9.33 -1.03
N VAL C 154 19.66 -9.06 -0.97
CA VAL C 154 20.39 -8.95 0.29
C VAL C 154 20.83 -7.50 0.45
N PRO C 155 20.43 -6.84 1.55
CA PRO C 155 20.84 -5.44 1.68
C PRO C 155 22.34 -5.31 1.90
N LEU C 156 22.96 -4.27 1.34
CA LEU C 156 24.41 -4.08 1.42
C LEU C 156 24.78 -2.74 2.07
N MET C 157 24.07 -1.69 1.68
CA MET C 157 24.23 -0.36 2.29
C MET C 157 22.87 0.35 2.24
N GLY C 158 22.42 0.85 3.39
CA GLY C 158 21.15 1.54 3.48
C GLY C 158 21.32 2.98 3.92
N ILE C 159 20.48 3.86 3.39
CA ILE C 159 20.39 5.24 3.85
C ILE C 159 18.96 5.54 4.26
N ASP C 160 18.79 6.15 5.42
CA ASP C 160 17.48 6.36 6.01
C ASP C 160 16.91 7.70 5.54
N ALA C 161 15.74 7.68 4.91
CA ALA C 161 15.14 8.90 4.35
C ALA C 161 13.95 9.40 5.17
N TRP C 162 13.66 8.76 6.30
CA TRP C 162 12.68 9.31 7.21
C TRP C 162 13.14 10.71 7.61
N GLU C 163 12.20 11.58 7.91
CA GLU C 163 12.55 12.96 8.21
C GLU C 163 13.36 13.11 9.51
N HIS C 164 13.12 12.24 10.48
CA HIS C 164 13.84 12.33 11.75
C HIS C 164 15.34 12.06 11.56
N ALA C 165 15.72 11.57 10.39
CA ALA C 165 17.11 11.30 10.11
C ALA C 165 17.90 12.59 9.87
N TYR C 166 17.20 13.68 9.52
CA TYR C 166 17.90 14.90 9.11
C TYR C 166 17.27 16.23 9.52
N TYR C 167 16.01 16.24 9.94
CA TYR C 167 15.26 17.50 9.98
C TYR C 167 15.78 18.52 10.99
N LEU C 168 16.29 18.06 12.14
CA LEU C 168 16.83 18.97 13.15
C LEU C 168 18.02 19.76 12.64
N GLN C 169 18.82 19.13 11.79
CA GLN C 169 20.00 19.78 11.22
C GLN C 169 19.74 20.42 9.86
N TYR C 170 19.06 19.69 8.98
CA TYR C 170 18.87 20.11 7.61
C TYR C 170 17.48 20.69 7.32
N GLU C 171 16.56 20.55 8.26
CA GLU C 171 15.18 20.96 8.03
C GLU C 171 14.64 20.27 6.77
N ASN C 172 13.93 20.99 5.92
CA ASN C 172 13.39 20.41 4.69
C ASN C 172 14.44 20.11 3.61
N ARG C 173 15.67 20.55 3.83
CA ARG C 173 16.71 20.48 2.80
CA ARG C 173 16.71 20.48 2.80
C ARG C 173 17.37 19.11 2.79
N LYS C 174 16.59 18.10 2.44
CA LYS C 174 16.99 16.70 2.46
C LYS C 174 18.13 16.39 1.51
N ALA C 175 18.23 17.14 0.40
CA ALA C 175 19.30 16.92 -0.58
C ALA C 175 20.67 17.20 0.02
N GLU C 176 20.72 18.15 0.95
CA GLU C 176 21.96 18.44 1.68
C GLU C 176 22.32 17.24 2.53
N TYR C 177 21.33 16.64 3.17
CA TYR C 177 21.55 15.44 3.97
C TYR C 177 22.00 14.24 3.12
N PHE C 178 21.29 13.95 2.03
CA PHE C 178 21.65 12.85 1.13
C PHE C 178 23.05 13.00 0.55
N GLU C 179 23.45 14.24 0.27
CA GLU C 179 24.78 14.51 -0.25
C GLU C 179 25.81 14.36 0.87
N ALA C 180 25.46 14.88 2.05
CA ALA C 180 26.41 14.96 3.16
C ALA C 180 26.78 13.61 3.76
N ILE C 181 25.89 12.63 3.67
CA ILE C 181 26.07 11.37 4.40
C ILE C 181 27.14 10.46 3.81
N TRP C 182 27.49 10.66 2.54
CA TRP C 182 28.49 9.83 1.88
C TRP C 182 29.85 9.95 2.56
N ASN C 183 30.03 11.04 3.30
CA ASN C 183 31.27 11.29 4.04
C ASN C 183 31.43 10.44 5.29
N VAL C 184 30.39 9.68 5.62
CA VAL C 184 30.44 8.83 6.81
C VAL C 184 29.84 7.46 6.56
N ILE C 185 29.74 7.06 5.30
CA ILE C 185 29.37 5.67 4.97
C ILE C 185 30.60 4.77 5.16
N ASN C 186 30.39 3.61 5.79
CA ASN C 186 31.47 2.65 6.05
C ASN C 186 31.52 1.59 4.97
N TRP C 187 32.35 1.80 3.97
CA TRP C 187 32.38 0.91 2.81
C TRP C 187 33.00 -0.44 3.11
N LYS C 188 33.75 -0.51 4.21
CA LYS C 188 34.38 -1.77 4.60
C LYS C 188 33.33 -2.74 5.12
N THR C 189 32.38 -2.22 5.90
CA THR C 189 31.22 -3.00 6.32
C THR C 189 30.44 -3.50 5.11
N VAL C 190 30.14 -2.59 4.19
CA VAL C 190 29.39 -2.92 2.98
C VAL C 190 30.12 -3.99 2.18
N ALA C 191 31.45 -3.94 2.22
CA ALA C 191 32.29 -4.91 1.51
C ALA C 191 32.21 -6.30 2.14
N GLN C 192 32.21 -6.34 3.48
CA GLN C 192 32.00 -7.59 4.20
C GLN C 192 30.66 -8.21 3.83
N ARG C 193 29.63 -7.37 3.71
CA ARG C 193 28.28 -7.82 3.37
C ARG C 193 28.22 -8.36 1.94
N PHE C 194 28.94 -7.69 1.04
CA PHE C 194 28.98 -8.09 -0.37
C PHE C 194 29.63 -9.45 -0.49
N GLU C 195 30.78 -9.59 0.19
CA GLU C 195 31.54 -10.82 0.17
C GLU C 195 30.68 -12.01 0.57
N LYS C 196 29.84 -11.85 1.59
CA LYS C 196 29.13 -12.99 2.19
C LYS C 196 27.71 -13.19 1.65
N ALA C 197 27.22 -12.23 0.88
CA ALA C 197 25.95 -12.37 0.18
C ALA C 197 26.20 -12.89 -1.24
N LYS D 1 -3.55 28.63 -12.62
CA LYS D 1 -3.06 27.40 -11.94
C LYS D 1 -3.27 27.50 -10.42
N ALA D 2 -2.74 26.53 -9.69
CA ALA D 2 -2.87 26.48 -8.22
C ALA D 2 -1.87 27.41 -7.55
N THR D 3 -2.27 28.02 -6.44
CA THR D 3 -1.40 28.94 -5.70
C THR D 3 -1.39 28.59 -4.22
N LEU D 4 -0.37 29.07 -3.53
CA LEU D 4 -0.24 28.86 -2.09
C LEU D 4 -1.16 29.83 -1.35
N PRO D 5 -2.11 29.31 -0.58
CA PRO D 5 -2.93 30.27 0.15
C PRO D 5 -2.11 30.92 1.26
N ASP D 6 -2.26 32.23 1.46
CA ASP D 6 -1.67 32.92 2.61
C ASP D 6 -2.31 32.42 3.89
N LEU D 7 -1.61 32.53 5.00
CA LEU D 7 -2.19 32.25 6.31
C LEU D 7 -3.00 33.44 6.82
N LYS D 8 -3.93 33.19 7.72
CA LYS D 8 -4.71 34.26 8.34
C LYS D 8 -3.99 34.95 9.51
N TYR D 9 -2.81 34.45 9.85
CA TYR D 9 -2.02 34.98 10.95
C TYR D 9 -0.53 34.83 10.69
N ASP D 10 0.27 35.42 11.57
CA ASP D 10 1.72 35.37 11.43
C ASP D 10 2.22 34.00 11.84
N TYR D 11 3.32 33.57 11.27
CA TYR D 11 3.85 32.23 11.50
C TYR D 11 3.94 31.85 12.97
N GLY D 12 4.28 32.80 13.83
CA GLY D 12 4.41 32.53 15.25
C GLY D 12 3.15 32.72 16.09
N ALA D 13 1.98 32.82 15.47
CA ALA D 13 0.73 33.07 16.23
C ALA D 13 0.15 31.80 16.88
N LEU D 14 0.76 30.65 16.62
CA LEU D 14 0.31 29.39 17.22
C LEU D 14 1.25 28.89 18.31
N GLU D 15 2.19 29.73 18.73
CA GLU D 15 3.08 29.40 19.85
C GLU D 15 2.30 29.55 21.16
N PRO D 16 2.66 28.77 22.20
CA PRO D 16 3.76 27.81 22.26
C PRO D 16 3.41 26.42 21.72
N TYR D 17 2.23 26.27 21.15
CA TYR D 17 1.76 24.95 20.73
C TYR D 17 2.46 24.46 19.46
N ILE D 18 2.64 25.35 18.49
CA ILE D 18 3.46 25.02 17.32
C ILE D 18 4.42 26.17 17.08
N SER D 19 5.70 25.84 16.90
CA SER D 19 6.74 26.85 16.74
C SER D 19 6.64 27.66 15.43
N ALA D 20 7.00 28.93 15.50
CA ALA D 20 7.08 29.81 14.33
C ALA D 20 7.88 29.19 13.18
N ARG D 21 9.02 28.60 13.49
CA ARG D 21 9.90 28.05 12.46
C ARG D 21 9.28 26.83 11.78
N ILE D 22 8.43 26.10 12.51
CA ILE D 22 7.66 25.02 11.92
C ILE D 22 6.59 25.59 11.01
N MET D 23 5.77 26.49 11.53
CA MET D 23 4.76 27.13 10.72
C MET D 23 5.37 27.74 9.45
N GLU D 24 6.55 28.36 9.57
CA GLU D 24 7.22 28.98 8.44
C GLU D 24 7.64 27.98 7.36
N LEU D 25 8.43 26.98 7.75
CA LEU D 25 8.90 25.95 6.83
C LEU D 25 7.74 25.19 6.22
N HIS D 26 6.79 24.84 7.07
CA HIS D 26 5.68 24.00 6.67
C HIS D 26 4.86 24.61 5.55
N HIS D 27 4.65 25.92 5.64
CA HIS D 27 3.77 26.64 4.71
C HIS D 27 4.57 27.13 3.48
N SER D 28 5.68 27.84 3.74
CA SER D 28 6.43 28.50 2.69
C SER D 28 7.30 27.52 1.90
N LYS D 29 7.67 26.41 2.51
CA LYS D 29 8.56 25.45 1.85
C LYS D 29 7.81 24.19 1.43
N HIS D 30 7.24 23.47 2.39
CA HIS D 30 6.64 22.17 2.12
C HIS D 30 5.40 22.28 1.23
N HIS D 31 4.43 23.06 1.67
CA HIS D 31 3.20 23.22 0.90
C HIS D 31 3.49 23.84 -0.48
N GLN D 32 4.38 24.82 -0.52
CA GLN D 32 4.76 25.46 -1.78
C GLN D 32 5.25 24.41 -2.75
N THR D 33 6.01 23.44 -2.23
CA THR D 33 6.53 22.36 -3.05
C THR D 33 5.42 21.49 -3.62
N TYR D 34 4.37 21.29 -2.83
CA TYR D 34 3.20 20.53 -3.31
C TYR D 34 2.39 21.33 -4.34
N VAL D 35 2.35 22.65 -4.18
CA VAL D 35 1.67 23.50 -5.16
C VAL D 35 2.39 23.40 -6.48
N ASN D 36 3.71 23.62 -6.44
CA ASN D 36 4.56 23.54 -7.62
C ASN D 36 4.45 22.19 -8.30
N GLY D 37 4.45 21.11 -7.52
CA GLY D 37 4.41 19.77 -8.06
C GLY D 37 3.04 19.40 -8.62
N LEU D 38 2.01 20.04 -8.08
CA LEU D 38 0.66 19.85 -8.58
C LEU D 38 0.48 20.50 -9.96
N ASN D 39 1.07 21.67 -10.16
CA ASN D 39 0.98 22.34 -11.45
C ASN D 39 1.83 21.63 -12.49
N SER D 40 3.00 21.15 -12.10
CA SER D 40 3.88 20.45 -13.01
C SER D 40 3.24 19.13 -13.50
N ALA D 41 2.45 18.51 -12.63
CA ALA D 41 1.86 17.22 -12.95
C ALA D 41 0.71 17.37 -13.92
N LEU D 42 -0.11 18.39 -13.71
CA LEU D 42 -1.26 18.64 -14.58
C LEU D 42 -0.78 19.04 -15.96
N GLU D 43 0.37 19.73 -16.00
CA GLU D 43 0.92 20.23 -17.24
C GLU D 43 1.52 19.10 -18.06
N ALA D 44 2.07 18.10 -17.39
CA ALA D 44 2.69 16.98 -18.09
C ALA D 44 1.61 16.01 -18.59
N THR D 45 0.56 15.83 -17.78
CA THR D 45 -0.57 15.00 -18.16
C THR D 45 -1.21 15.58 -19.40
N ALA D 46 -1.23 16.90 -19.46
CA ALA D 46 -1.88 17.61 -20.54
C ALA D 46 -1.07 17.44 -21.81
N GLU D 47 0.24 17.69 -21.70
CA GLU D 47 1.11 17.68 -22.86
C GLU D 47 1.32 16.27 -23.40
N ALA D 48 1.22 15.27 -22.53
CA ALA D 48 1.37 13.88 -22.95
C ALA D 48 0.11 13.41 -23.67
N GLU D 49 -1.04 13.95 -23.25
CA GLU D 49 -2.33 13.55 -23.78
C GLU D 49 -2.60 14.19 -25.14
N ALA D 50 -2.13 15.41 -25.33
CA ALA D 50 -2.24 16.08 -26.61
C ALA D 50 -1.36 15.35 -27.63
N LYS D 51 -0.42 14.54 -27.14
CA LYS D 51 0.48 13.77 -27.98
C LYS D 51 0.01 12.31 -28.08
N GLY D 52 -1.09 12.01 -27.39
CA GLY D 52 -1.66 10.67 -27.41
C GLY D 52 -0.81 9.65 -26.65
N ASP D 53 0.07 10.14 -25.78
CA ASP D 53 0.94 9.27 -24.97
C ASP D 53 0.28 9.02 -23.60
N PHE D 54 -0.57 8.01 -23.56
CA PHE D 54 -1.32 7.66 -22.38
C PHE D 54 -0.44 6.93 -21.37
N THR D 55 0.62 6.32 -21.88
CA THR D 55 1.56 5.60 -21.02
C THR D 55 2.22 6.62 -20.14
N LYS D 56 2.59 7.74 -20.74
CA LYS D 56 3.22 8.85 -20.04
C LYS D 56 2.22 9.56 -19.14
N ALA D 57 1.03 9.83 -19.67
CA ALA D 57 0.00 10.51 -18.90
C ALA D 57 -0.40 9.72 -17.66
N ALA D 58 -0.50 8.40 -17.80
CA ALA D 58 -0.90 7.53 -16.68
C ALA D 58 0.24 7.35 -15.67
N SER D 59 1.46 7.50 -16.15
CA SER D 59 2.66 7.37 -15.32
C SER D 59 2.85 8.57 -14.37
N LEU D 60 2.02 9.60 -14.52
CA LEU D 60 2.06 10.79 -13.68
C LEU D 60 1.02 10.74 -12.54
N ALA D 61 0.22 9.69 -12.52
CA ALA D 61 -0.87 9.60 -11.54
C ALA D 61 -0.39 9.65 -10.09
N PRO D 62 0.71 8.94 -9.74
CA PRO D 62 1.24 9.05 -8.38
C PRO D 62 1.67 10.47 -7.98
N LEU D 63 2.29 11.21 -8.88
CA LEU D 63 2.72 12.57 -8.56
C LEU D 63 1.52 13.50 -8.43
N LEU D 64 0.51 13.27 -9.26
CA LEU D 64 -0.73 14.01 -9.13
C LEU D 64 -1.39 13.72 -7.78
N ASN D 65 -1.31 12.47 -7.32
CA ASN D 65 -1.93 12.09 -6.06
C ASN D 65 -1.16 12.67 -4.87
N PHE D 66 0.16 12.60 -4.96
CA PHE D 66 1.03 13.05 -3.88
C PHE D 66 0.92 14.56 -3.68
N HIS D 67 1.21 15.31 -4.74
CA HIS D 67 1.18 16.77 -4.70
C HIS D 67 -0.22 17.36 -4.63
N GLY D 68 -1.16 16.78 -5.37
CA GLY D 68 -2.55 17.20 -5.30
C GLY D 68 -3.16 16.91 -3.93
N GLY D 69 -2.68 15.83 -3.33
CA GLY D 69 -3.09 15.52 -1.97
C GLY D 69 -2.48 16.50 -1.01
N GLY D 70 -1.17 16.74 -1.13
CA GLY D 70 -0.47 17.65 -0.26
C GLY D 70 -1.09 19.04 -0.27
N HIS D 71 -1.30 19.60 -1.46
CA HIS D 71 -1.89 20.94 -1.59
C HIS D 71 -3.26 21.03 -0.87
N LEU D 72 -4.10 20.03 -1.13
CA LEU D 72 -5.43 19.98 -0.52
C LEU D 72 -5.31 19.86 0.98
N ASN D 73 -4.53 18.88 1.42
CA ASN D 73 -4.45 18.54 2.83
C ASN D 73 -3.99 19.74 3.63
N HIS D 74 -2.98 20.45 3.15
CA HIS D 74 -2.43 21.57 3.90
C HIS D 74 -3.37 22.77 3.87
N THR D 75 -4.07 22.95 2.77
CA THR D 75 -5.04 24.04 2.67
C THR D 75 -6.10 23.91 3.74
N LEU D 76 -6.65 22.70 3.90
CA LEU D 76 -7.65 22.44 4.94
C LEU D 76 -7.03 22.51 6.32
N PHE D 77 -5.75 22.18 6.42
CA PHE D 77 -5.06 22.18 7.69
C PHE D 77 -4.94 23.60 8.30
N TRP D 78 -4.45 24.58 7.54
CA TRP D 78 -4.29 25.94 8.06
C TRP D 78 -5.68 26.49 8.41
N GLU D 79 -6.65 26.17 7.57
CA GLU D 79 -8.02 26.60 7.77
C GLU D 79 -8.55 26.20 9.14
N ASN D 80 -8.29 24.97 9.57
CA ASN D 80 -8.75 24.52 10.90
C ASN D 80 -7.66 24.65 11.98
N LEU D 81 -6.79 25.63 11.81
CA LEU D 81 -5.83 26.03 12.83
C LEU D 81 -5.94 27.53 13.10
N ALA D 82 -5.93 27.91 14.38
CA ALA D 82 -6.11 29.31 14.77
C ALA D 82 -5.50 29.61 16.14
N PRO D 83 -5.15 30.89 16.40
CA PRO D 83 -4.53 31.24 17.68
C PRO D 83 -5.43 30.92 18.86
N ALA D 84 -4.84 30.42 19.94
CA ALA D 84 -5.62 29.94 21.07
C ALA D 84 -6.42 31.07 21.71
N SER D 85 -5.83 32.26 21.74
CA SER D 85 -6.49 33.40 22.36
C SER D 85 -7.73 33.83 21.58
N ARG D 86 -7.84 33.46 20.31
CA ARG D 86 -8.95 33.91 19.46
C ARG D 86 -9.94 32.78 19.18
N GLU D 87 -9.95 32.21 17.97
CA GLU D 87 -10.92 31.14 17.68
C GLU D 87 -10.30 29.74 17.68
N GLY D 88 -9.05 29.65 18.13
CA GLY D 88 -8.40 28.36 18.27
C GLY D 88 -8.68 27.75 19.64
N GLY D 89 -8.76 26.43 19.69
CA GLY D 89 -8.96 25.71 20.94
C GLY D 89 -10.40 25.54 21.35
N GLY D 90 -10.61 25.11 22.59
CA GLY D 90 -11.96 24.88 23.10
C GLY D 90 -12.57 23.62 22.50
N GLU D 91 -13.88 23.65 22.29
CA GLU D 91 -14.59 22.52 21.67
C GLU D 91 -15.79 23.05 20.87
N PRO D 92 -16.35 22.22 19.96
CA PRO D 92 -17.43 22.76 19.12
C PRO D 92 -18.74 22.89 19.88
N ASP D 93 -19.76 23.41 19.23
CA ASP D 93 -21.07 23.53 19.86
C ASP D 93 -22.15 23.22 18.83
N GLY D 94 -23.41 23.38 19.23
CA GLY D 94 -24.52 23.24 18.31
C GLY D 94 -24.60 21.87 17.67
N ALA D 95 -24.84 21.87 16.35
CA ALA D 95 -25.08 20.65 15.58
C ALA D 95 -23.87 19.70 15.49
N LEU D 96 -22.68 20.27 15.39
CA LEU D 96 -21.46 19.47 15.27
C LEU D 96 -21.17 18.73 16.58
N LYS D 97 -21.31 19.43 17.70
CA LYS D 97 -21.16 18.81 19.01
C LYS D 97 -22.10 17.62 19.18
N LYS D 98 -23.35 17.82 18.78
CA LYS D 98 -24.38 16.80 18.98
C LYS D 98 -24.08 15.51 18.21
N ALA D 99 -23.53 15.64 17.01
CA ALA D 99 -23.21 14.47 16.20
C ALA D 99 -21.95 13.78 16.72
N ILE D 100 -21.00 14.57 17.23
CA ILE D 100 -19.80 14.01 17.84
C ILE D 100 -20.20 13.15 19.04
N GLU D 101 -21.08 13.67 19.88
CA GLU D 101 -21.57 12.91 21.01
C GLU D 101 -22.30 11.64 20.57
N ALA D 102 -23.10 11.74 19.51
CA ALA D 102 -23.90 10.63 19.03
C ALA D 102 -23.08 9.55 18.33
N ASP D 103 -21.91 9.93 17.83
CA ASP D 103 -21.04 9.04 17.07
C ASP D 103 -19.80 8.59 17.84
N PHE D 104 -19.48 9.29 18.93
CA PHE D 104 -18.28 8.98 19.73
C PHE D 104 -18.55 8.92 21.22
N GLY D 105 -19.76 9.32 21.64
CA GLY D 105 -20.17 9.27 23.03
C GLY D 105 -19.97 10.62 23.70
N SER D 106 -18.76 11.15 23.58
CA SER D 106 -18.46 12.49 24.07
C SER D 106 -17.34 13.11 23.23
N PHE D 107 -17.16 14.42 23.35
CA PHE D 107 -16.03 15.10 22.70
C PHE D 107 -14.68 14.58 23.21
N GLU D 108 -14.65 14.26 24.51
CA GLU D 108 -13.41 13.84 25.15
C GLU D 108 -13.00 12.43 24.66
N THR D 109 -14.00 11.58 24.42
CA THR D 109 -13.75 10.25 23.89
C THR D 109 -13.30 10.32 22.43
N PHE D 110 -13.87 11.26 21.68
CA PHE D 110 -13.46 11.50 20.30
C PHE D 110 -12.00 11.96 20.24
N ARG D 111 -11.65 12.87 21.15
CA ARG D 111 -10.31 13.41 21.24
CA ARG D 111 -10.30 13.41 21.24
C ARG D 111 -9.30 12.27 21.44
N LYS D 112 -9.59 11.43 22.42
CA LYS D 112 -8.73 10.28 22.73
C LYS D 112 -8.53 9.38 21.53
N GLN D 113 -9.62 9.01 20.86
CA GLN D 113 -9.55 8.12 19.70
C GLN D 113 -8.76 8.73 18.57
N MET D 114 -8.86 10.05 18.42
CA MET D 114 -8.13 10.73 17.35
C MET D 114 -6.65 10.77 17.70
N ASN D 115 -6.34 11.04 18.94
CA ASN D 115 -4.95 11.01 19.40
C ASN D 115 -4.40 9.60 19.28
N ALA D 116 -5.22 8.62 19.62
CA ALA D 116 -4.85 7.22 19.47
C ALA D 116 -4.63 6.89 17.99
N ALA D 117 -5.51 7.39 17.14
CA ALA D 117 -5.44 7.16 15.71
C ALA D 117 -4.16 7.77 15.17
N LEU D 118 -3.85 8.97 15.63
CA LEU D 118 -2.64 9.65 15.18
C LEU D 118 -1.43 8.84 15.59
N THR D 119 -1.45 8.35 16.82
CA THR D 119 -0.33 7.61 17.37
C THR D 119 -0.05 6.35 16.57
N GLY D 120 -1.11 5.67 16.15
CA GLY D 120 -0.98 4.40 15.46
C GLY D 120 -0.41 4.47 14.04
N ILE D 121 -0.32 5.67 13.47
CA ILE D 121 0.17 5.84 12.10
C ILE D 121 1.65 5.48 12.00
N GLN D 122 1.96 4.55 11.10
CA GLN D 122 3.31 4.07 10.86
C GLN D 122 3.93 4.81 9.68
N GLY D 123 4.89 5.69 9.95
CA GLY D 123 5.46 6.53 8.91
C GLY D 123 4.75 7.88 8.76
N SER D 124 4.68 8.35 7.53
CA SER D 124 4.15 9.68 7.22
C SER D 124 2.66 9.56 6.91
N GLY D 125 1.85 10.50 7.41
CA GLY D 125 0.42 10.44 7.19
C GLY D 125 -0.42 11.43 8.01
N TRP D 126 -1.74 11.28 7.88
CA TRP D 126 -2.74 12.19 8.46
C TRP D 126 -3.84 11.42 9.16
N ALA D 127 -4.42 12.02 10.20
CA ALA D 127 -5.68 11.56 10.77
C ALA D 127 -6.75 12.63 10.57
N TRP D 128 -7.95 12.20 10.20
CA TRP D 128 -9.02 13.12 9.86
C TRP D 128 -10.31 12.82 10.62
N LEU D 129 -11.01 13.86 11.03
CA LEU D 129 -12.43 13.74 11.31
C LEU D 129 -13.13 13.99 9.98
N ALA D 130 -14.03 13.07 9.60
CA ALA D 130 -14.72 13.13 8.32
C ALA D 130 -16.19 12.80 8.49
N LYS D 131 -17.00 13.09 7.48
CA LYS D 131 -18.40 12.71 7.47
C LYS D 131 -18.73 11.99 6.19
N ASP D 132 -19.79 11.19 6.24
CA ASP D 132 -20.38 10.63 5.05
C ASP D 132 -21.09 11.77 4.34
N LYS D 133 -20.92 11.87 3.03
CA LYS D 133 -21.50 12.96 2.27
C LYS D 133 -23.03 12.91 2.28
N ASP D 134 -23.57 11.69 2.39
CA ASP D 134 -25.01 11.45 2.24
C ASP D 134 -25.79 11.40 3.55
N SER D 135 -25.20 10.77 4.57
CA SER D 135 -25.87 10.67 5.89
C SER D 135 -25.38 11.73 6.89
N GLY D 136 -24.12 12.15 6.76
CA GLY D 136 -23.50 13.04 7.72
C GLY D 136 -22.81 12.29 8.86
N ASN D 137 -22.88 10.96 8.81
CA ASN D 137 -22.32 10.11 9.85
C ASN D 137 -20.81 10.32 9.97
N LEU D 138 -20.35 10.46 11.22
CA LEU D 138 -18.96 10.83 11.47
C LEU D 138 -18.04 9.64 11.65
N ALA D 139 -16.78 9.81 11.27
CA ALA D 139 -15.76 8.77 11.41
C ALA D 139 -14.38 9.39 11.60
N ILE D 140 -13.52 8.66 12.29
CA ILE D 140 -12.10 8.98 12.37
C ILE D 140 -11.38 8.11 11.36
N VAL D 141 -10.73 8.74 10.39
CA VAL D 141 -9.97 7.99 9.39
C VAL D 141 -8.52 8.44 9.43
N THR D 142 -7.64 7.59 8.91
CA THR D 142 -6.24 7.96 8.71
C THR D 142 -5.91 7.81 7.22
N ARG D 143 -4.87 8.53 6.79
CA ARG D 143 -4.41 8.49 5.41
C ARG D 143 -2.89 8.40 5.42
N ALA D 144 -2.35 7.60 4.50
CA ALA D 144 -0.91 7.44 4.38
C ALA D 144 -0.36 8.57 3.52
N ASN D 145 0.83 9.06 3.86
CA ASN D 145 1.50 10.07 3.05
C ASN D 145 0.61 11.29 2.80
N GLN D 146 0.40 11.67 1.55
CA GLN D 146 -0.55 12.76 1.27
C GLN D 146 -1.88 12.28 0.66
N ASP D 147 -2.20 11.00 0.76
CA ASP D 147 -3.48 10.51 0.25
C ASP D 147 -4.62 11.31 0.89
N PRO D 148 -5.57 11.81 0.08
CA PRO D 148 -6.62 12.65 0.68
C PRO D 148 -7.89 11.92 1.14
N VAL D 149 -8.78 12.67 1.80
CA VAL D 149 -10.13 12.21 2.10
C VAL D 149 -11.03 12.73 0.97
N THR D 150 -11.55 11.82 0.15
CA THR D 150 -12.36 12.22 -0.99
C THR D 150 -13.47 11.21 -1.26
N GLY D 151 -14.40 11.55 -2.13
CA GLY D 151 -15.47 10.63 -2.47
C GLY D 151 -16.57 10.56 -1.41
N GLN D 152 -16.82 9.36 -0.90
CA GLN D 152 -17.92 9.12 0.02
C GLN D 152 -17.70 9.87 1.33
N LEU D 153 -16.45 10.26 1.56
CA LEU D 153 -16.07 10.97 2.77
C LEU D 153 -15.69 12.41 2.47
N VAL D 154 -16.26 13.31 3.27
CA VAL D 154 -15.94 14.73 3.28
C VAL D 154 -15.09 15.01 4.52
N PRO D 155 -13.91 15.62 4.34
CA PRO D 155 -13.07 15.91 5.51
C PRO D 155 -13.53 17.16 6.28
N LEU D 156 -13.48 17.11 7.61
CA LEU D 156 -13.94 18.20 8.47
C LEU D 156 -12.78 18.76 9.30
N MET D 157 -11.90 17.88 9.74
CA MET D 157 -10.78 18.30 10.58
C MET D 157 -9.57 17.37 10.44
N GLY D 158 -8.43 17.96 10.10
CA GLY D 158 -7.21 17.22 9.83
C GLY D 158 -6.08 17.63 10.75
N ILE D 159 -5.35 16.62 11.24
CA ILE D 159 -4.10 16.84 11.97
C ILE D 159 -2.97 16.12 11.23
N ASP D 160 -1.96 16.89 10.84
CA ASP D 160 -0.82 16.37 10.11
C ASP D 160 0.14 15.64 11.04
N ALA D 161 0.44 14.38 10.74
CA ALA D 161 1.30 13.57 11.58
C ALA D 161 2.65 13.30 10.91
N TRP D 162 2.98 14.01 9.85
CA TRP D 162 4.33 13.91 9.26
C TRP D 162 5.29 14.46 10.28
N GLU D 163 6.49 13.89 10.36
CA GLU D 163 7.48 14.31 11.34
C GLU D 163 7.81 15.80 11.20
N HIS D 164 7.69 16.32 9.99
CA HIS D 164 8.03 17.73 9.76
C HIS D 164 7.00 18.68 10.36
N ALA D 165 5.84 18.16 10.78
CA ALA D 165 4.85 18.99 11.44
C ALA D 165 5.15 19.23 12.93
N TYR D 166 6.15 18.54 13.49
CA TYR D 166 6.45 18.67 14.93
C TYR D 166 7.90 18.50 15.40
N TYR D 167 8.73 17.82 14.61
CA TYR D 167 10.03 17.39 15.11
C TYR D 167 10.93 18.50 15.67
N LEU D 168 10.95 19.67 15.04
CA LEU D 168 11.83 20.76 15.47
C LEU D 168 11.55 21.20 16.90
N GLN D 169 10.30 21.10 17.33
CA GLN D 169 9.92 21.52 18.66
C GLN D 169 9.87 20.33 19.60
N TYR D 170 9.12 19.31 19.19
CA TYR D 170 8.81 18.15 20.03
C TYR D 170 9.72 16.94 19.83
N GLU D 171 10.59 17.01 18.82
CA GLU D 171 11.47 15.90 18.46
C GLU D 171 10.67 14.60 18.34
N ASN D 172 11.07 13.55 19.04
CA ASN D 172 10.41 12.26 18.86
C ASN D 172 9.15 12.16 19.70
N ARG D 173 8.95 13.14 20.57
CA ARG D 173 7.82 13.11 21.50
C ARG D 173 6.54 13.54 20.82
N LYS D 174 6.06 12.70 19.90
CA LYS D 174 4.93 13.03 19.06
C LYS D 174 3.64 13.16 19.85
N ALA D 175 3.51 12.39 20.93
CA ALA D 175 2.36 12.47 21.82
C ALA D 175 2.09 13.88 22.31
N GLU D 176 3.16 14.60 22.66
CA GLU D 176 3.05 15.95 23.19
C GLU D 176 2.47 16.91 22.16
N TYR D 177 2.88 16.74 20.91
CA TYR D 177 2.34 17.51 19.80
C TYR D 177 0.84 17.23 19.67
N PHE D 178 0.46 15.95 19.65
CA PHE D 178 -0.93 15.55 19.46
C PHE D 178 -1.82 16.08 20.57
N GLU D 179 -1.28 16.17 21.78
CA GLU D 179 -2.01 16.75 22.90
C GLU D 179 -2.06 18.27 22.74
N ALA D 180 -0.93 18.86 22.37
CA ALA D 180 -0.83 20.31 22.32
C ALA D 180 -1.71 21.00 21.27
N ILE D 181 -1.89 20.36 20.12
CA ILE D 181 -2.53 21.02 18.96
C ILE D 181 -4.01 21.29 19.14
N TRP D 182 -4.66 20.58 20.06
CA TRP D 182 -6.06 20.82 20.32
C TRP D 182 -6.33 22.26 20.76
N ASN D 183 -5.31 22.93 21.26
CA ASN D 183 -5.43 24.32 21.70
C ASN D 183 -5.62 25.28 20.54
N VAL D 184 -5.17 24.89 19.35
CA VAL D 184 -5.22 25.77 18.20
C VAL D 184 -6.09 25.24 17.06
N ILE D 185 -6.91 24.24 17.35
CA ILE D 185 -7.90 23.77 16.38
C ILE D 185 -9.04 24.80 16.33
N ASN D 186 -9.47 25.12 15.12
CA ASN D 186 -10.58 26.05 14.88
C ASN D 186 -11.85 25.27 14.60
N TRP D 187 -12.72 25.18 15.59
CA TRP D 187 -13.96 24.39 15.48
C TRP D 187 -15.07 25.16 14.79
N LYS D 188 -14.84 26.45 14.57
CA LYS D 188 -15.79 27.25 13.81
C LYS D 188 -15.70 26.80 12.37
N THR D 189 -14.48 26.61 11.89
CA THR D 189 -14.22 26.13 10.53
C THR D 189 -14.75 24.73 10.31
N VAL D 190 -14.54 23.87 11.31
CA VAL D 190 -15.03 22.50 11.21
C VAL D 190 -16.54 22.47 11.12
N ALA D 191 -17.21 23.35 11.86
CA ALA D 191 -18.66 23.37 11.86
C ALA D 191 -19.20 23.80 10.50
N GLN D 192 -18.60 24.84 9.93
CA GLN D 192 -18.98 25.32 8.59
C GLN D 192 -18.94 24.15 7.60
N ARG D 193 -17.85 23.38 7.68
CA ARG D 193 -17.64 22.25 6.78
C ARG D 193 -18.69 21.17 6.99
N PHE D 194 -19.01 20.94 8.26
CA PHE D 194 -19.96 19.90 8.64
C PHE D 194 -21.38 20.29 8.27
N GLU D 195 -21.73 21.54 8.53
CA GLU D 195 -23.10 22.05 8.35
C GLU D 195 -23.46 22.40 6.92
N LYS D 196 -22.53 22.21 5.98
CA LYS D 196 -22.80 22.50 4.58
C LYS D 196 -23.11 21.24 3.79
N ALA D 197 -23.98 21.38 2.79
CA ALA D 197 -24.26 20.34 1.79
C ALA D 197 -24.34 18.93 2.38
MN MN3 E . -12.10 -15.65 -0.77
NA NA F . -23.68 7.40 13.90
NA NA G . -19.58 -19.05 -16.14
NA NA H . -9.25 -0.89 0.82
MN MN3 I . -5.96 -8.91 -16.67
C1 GOL J . -10.31 -12.09 -32.32
O1 GOL J . -11.28 -13.09 -32.10
C2 GOL J . -10.91 -10.72 -32.06
O2 GOL J . -12.14 -10.62 -32.75
C3 GOL J . -9.94 -9.60 -32.49
O3 GOL J . -9.52 -8.84 -31.40
MN MN3 K . 15.17 6.02 11.26
NA NA L . 3.26 -7.22 6.76
NA NA M . 9.06 6.28 13.80
MN MN3 N . 2.72 18.48 6.29
NA NA O . -3.62 28.62 10.03
#